data_7LQM
#
_entry.id   7LQM
#
_cell.length_a   84.796
_cell.length_b   79.569
_cell.length_c   85.295
_cell.angle_alpha   90.000
_cell.angle_beta   109.130
_cell.angle_gamma   90.000
#
_symmetry.space_group_name_H-M   'P 1 21 1'
#
loop_
_entity.id
_entity.type
_entity.pdbx_description
1 polymer 'Glucosamine-6-phosphate deaminase'
2 non-polymer 1,2-ETHANEDIOL
3 water water
#
_entity_poly.entity_id   1
_entity_poly.type   'polypeptide(L)'
_entity_poly.pdbx_seq_one_letter_code
;MHHHHHHITSLYKKAGFMRLIPLHNVDQVAKWSARYIVDRINQFQPTEARPFVLGLPTGGTPLKTYEALIELYKAGEVSF
KHVVTFNMDEYVGLPKEHPESYHSFMYKNFFDHVDIQEKNINILNGNTEDHDAECQRYEEKIKSYGKIHLFMGGVGVDGH
IAFNEPASSLSSRTRIKTLTEDTLIANSRFFDNDVNKVPKYALTIGVGTLLDAEEVMILVTGYNKAQALQAAVEGSINHL
WTVTALQMHRRAIIVCDEPATQELKVKTVKYFTELEASAIRSVK
;
_entity_poly.pdbx_strand_id   A,B,C,D
#
loop_
_chem_comp.id
_chem_comp.type
_chem_comp.name
_chem_comp.formula
EDO non-polymer 1,2-ETHANEDIOL 'C2 H6 O2'
#
# COMPACT_ATOMS: atom_id res chain seq x y z
N MET A 18 11.51 -4.83 -18.00
CA MET A 18 11.46 -3.53 -17.31
C MET A 18 10.63 -3.60 -16.04
N ARG A 19 11.11 -2.92 -15.00
CA ARG A 19 10.41 -2.81 -13.73
C ARG A 19 9.82 -1.41 -13.60
N LEU A 20 8.57 -1.32 -13.17
CA LEU A 20 7.92 -0.05 -12.88
C LEU A 20 7.58 0.00 -11.40
N ILE A 21 8.06 1.04 -10.72
CA ILE A 21 7.80 1.23 -9.29
C ILE A 21 6.79 2.36 -9.13
N PRO A 22 5.48 2.07 -9.06
CA PRO A 22 4.48 3.13 -8.94
C PRO A 22 4.29 3.54 -7.49
N LEU A 23 4.80 4.72 -7.14
CA LEU A 23 4.67 5.28 -5.80
C LEU A 23 3.70 6.46 -5.83
N HIS A 24 3.42 7.00 -4.65
CA HIS A 24 2.38 8.02 -4.53
C HIS A 24 2.88 9.42 -4.83
N ASN A 25 4.01 9.83 -4.23
CA ASN A 25 4.45 11.22 -4.30
C ASN A 25 5.95 11.27 -4.58
N VAL A 26 6.45 12.49 -4.74
CA VAL A 26 7.85 12.69 -5.10
C VAL A 26 8.76 12.32 -3.94
N ASP A 27 8.33 12.54 -2.70
CA ASP A 27 9.14 12.18 -1.55
C ASP A 27 9.40 10.68 -1.50
N GLN A 28 8.38 9.88 -1.80
CA GLN A 28 8.55 8.42 -1.81
C GLN A 28 9.44 7.99 -2.98
N VAL A 29 9.33 8.68 -4.12
CA VAL A 29 10.22 8.40 -5.24
C VAL A 29 11.67 8.69 -4.87
N ALA A 30 11.90 9.80 -4.15
CA ALA A 30 13.25 10.15 -3.73
C ALA A 30 13.81 9.13 -2.76
N LYS A 31 13.02 8.76 -1.75
CA LYS A 31 13.50 7.81 -0.73
C LYS A 31 13.73 6.43 -1.34
N TRP A 32 12.82 5.98 -2.20
CA TRP A 32 12.97 4.65 -2.80
C TRP A 32 14.21 4.59 -3.68
N SER A 33 14.40 5.60 -4.52
CA SER A 33 15.54 5.61 -5.45
C SER A 33 16.86 5.70 -4.69
N ALA A 34 16.90 6.50 -3.63
CA ALA A 34 18.11 6.59 -2.82
C ALA A 34 18.39 5.28 -2.10
N ARG A 35 17.33 4.65 -1.57
CA ARG A 35 17.50 3.37 -0.88
C ARG A 35 17.95 2.27 -1.85
N TYR A 36 17.45 2.31 -3.09
CA TYR A 36 17.88 1.32 -4.07
C TYR A 36 19.36 1.46 -4.39
N ILE A 37 19.85 2.69 -4.53
CA ILE A 37 21.27 2.91 -4.79
C ILE A 37 22.11 2.41 -3.63
N VAL A 38 21.70 2.74 -2.41
CA VAL A 38 22.46 2.36 -1.22
C VAL A 38 22.49 0.84 -1.07
N ASP A 39 21.34 0.19 -1.27
CA ASP A 39 21.29 -1.27 -1.14
C ASP A 39 22.25 -1.95 -2.13
N ARG A 40 22.31 -1.45 -3.36
CA ARG A 40 23.21 -2.05 -4.33
C ARG A 40 24.68 -1.80 -3.99
N ILE A 41 24.99 -0.62 -3.47
CA ILE A 41 26.37 -0.33 -3.07
C ILE A 41 26.80 -1.23 -1.93
N ASN A 42 25.91 -1.46 -0.96
CA ASN A 42 26.23 -2.32 0.17
C ASN A 42 26.22 -3.80 -0.22
N GLN A 43 25.43 -4.18 -1.22
CA GLN A 43 25.53 -5.52 -1.78
C GLN A 43 26.81 -5.69 -2.59
N PHE A 44 27.23 -4.65 -3.30
CA PHE A 44 28.43 -4.72 -4.10
C PHE A 44 29.68 -4.71 -3.20
N GLN A 45 29.68 -3.87 -2.18
CA GLN A 45 30.81 -3.67 -1.27
C GLN A 45 32.02 -3.26 -2.08
N PRO A 46 32.08 -2.01 -2.53
CA PRO A 46 33.18 -1.59 -3.40
C PRO A 46 34.46 -1.37 -2.60
N THR A 47 35.57 -1.60 -3.28
CA THR A 47 36.89 -1.38 -2.70
C THR A 47 37.69 -0.49 -3.63
N GLU A 48 38.93 -0.20 -3.24
CA GLU A 48 39.82 0.56 -4.12
C GLU A 48 40.08 -0.20 -5.40
N ALA A 49 40.27 -1.53 -5.30
CA ALA A 49 40.53 -2.33 -6.49
C ALA A 49 39.26 -2.54 -7.32
N ARG A 50 38.09 -2.62 -6.68
CA ARG A 50 36.84 -2.95 -7.36
C ARG A 50 35.77 -1.93 -6.99
N PRO A 51 35.76 -0.77 -7.63
CA PRO A 51 34.81 0.29 -7.26
C PRO A 51 33.43 0.07 -7.88
N PHE A 52 32.44 0.72 -7.27
CA PHE A 52 31.09 0.77 -7.79
C PHE A 52 30.94 2.00 -8.69
N VAL A 53 30.54 1.78 -9.94
CA VAL A 53 30.47 2.84 -10.94
C VAL A 53 29.02 3.26 -11.11
N LEU A 54 28.74 4.55 -10.91
CA LEU A 54 27.39 5.07 -10.81
C LEU A 54 27.22 6.25 -11.78
N GLY A 55 26.23 6.16 -12.66
CA GLY A 55 25.89 7.28 -13.53
C GLY A 55 24.85 8.18 -12.87
N LEU A 56 25.03 9.49 -13.05
CA LEU A 56 24.25 10.45 -12.28
C LEU A 56 23.68 11.55 -13.16
N PRO A 57 22.42 11.95 -12.93
CA PRO A 57 21.84 13.09 -13.64
C PRO A 57 21.77 14.35 -12.79
N THR A 58 21.24 15.43 -13.36
CA THR A 58 20.93 16.64 -12.63
C THR A 58 19.45 16.99 -12.83
N GLY A 59 18.98 17.99 -12.11
CA GLY A 59 17.64 18.49 -12.25
C GLY A 59 16.87 18.45 -10.95
N GLY A 60 15.61 18.91 -11.04
CA GLY A 60 14.78 19.01 -9.85
C GLY A 60 14.45 17.65 -9.25
N THR A 61 14.14 16.68 -10.11
CA THR A 61 13.78 15.36 -9.60
C THR A 61 15.00 14.61 -9.05
N PRO A 62 16.15 14.58 -9.72
CA PRO A 62 17.34 13.98 -9.08
C PRO A 62 17.75 14.68 -7.79
N LEU A 63 17.49 15.99 -7.69
CA LEU A 63 17.85 16.73 -6.48
C LEU A 63 17.24 16.11 -5.23
N LYS A 64 15.98 15.69 -5.31
CA LYS A 64 15.34 15.08 -4.14
C LYS A 64 15.96 13.74 -3.80
N THR A 65 16.45 12.99 -4.80
CA THR A 65 17.17 11.76 -4.52
C THR A 65 18.50 12.04 -3.84
N TYR A 66 19.21 13.08 -4.29
CA TYR A 66 20.49 13.42 -3.67
C TYR A 66 20.31 13.83 -2.21
N GLU A 67 19.25 14.59 -1.92
CA GLU A 67 18.96 14.93 -0.52
C GLU A 67 18.70 13.67 0.30
N ALA A 68 17.97 12.71 -0.28
CA ALA A 68 17.68 11.47 0.43
C ALA A 68 18.93 10.60 0.57
N LEU A 69 19.81 10.63 -0.44
CA LEU A 69 21.09 9.92 -0.32
C LEU A 69 21.94 10.51 0.79
N ILE A 70 21.92 11.84 0.93
CA ILE A 70 22.68 12.49 1.99
C ILE A 70 22.14 12.10 3.36
N GLU A 71 20.82 12.00 3.47
CA GLU A 71 20.23 11.58 4.74
C GLU A 71 20.67 10.17 5.10
N LEU A 72 20.73 9.27 4.12
CA LEU A 72 21.22 7.92 4.38
C LEU A 72 22.71 7.90 4.72
N TYR A 73 23.50 8.79 4.11
CA TYR A 73 24.91 8.88 4.45
C TYR A 73 25.08 9.42 5.87
N LYS A 74 24.34 10.46 6.22
CA LYS A 74 24.42 11.01 7.58
C LYS A 74 23.97 10.00 8.61
N ALA A 75 23.12 9.05 8.20
CA ALA A 75 22.69 7.98 9.09
C ALA A 75 23.71 6.86 9.21
N GLY A 76 24.86 6.97 8.53
CA GLY A 76 25.87 5.93 8.56
C GLY A 76 25.53 4.70 7.74
N GLU A 77 24.51 4.78 6.89
CA GLU A 77 24.02 3.62 6.15
C GLU A 77 24.83 3.30 4.89
N VAL A 78 25.67 4.22 4.41
CA VAL A 78 26.37 4.02 3.15
C VAL A 78 27.62 4.88 3.14
N SER A 79 28.65 4.42 2.43
CA SER A 79 29.85 5.19 2.17
C SER A 79 30.11 5.25 0.67
N PHE A 80 30.51 6.43 0.19
CA PHE A 80 30.84 6.63 -1.21
C PHE A 80 32.34 6.72 -1.45
N LYS A 81 33.14 6.20 -0.52
CA LYS A 81 34.60 6.33 -0.63
C LYS A 81 35.11 5.64 -1.90
N HIS A 82 34.56 4.48 -2.23
CA HIS A 82 34.99 3.73 -3.41
C HIS A 82 33.87 3.64 -4.44
N VAL A 83 33.14 4.74 -4.61
CA VAL A 83 32.13 4.88 -5.65
C VAL A 83 32.65 5.85 -6.70
N VAL A 84 32.66 5.41 -7.95
CA VAL A 84 33.06 6.24 -9.09
C VAL A 84 31.80 6.71 -9.80
N THR A 85 31.74 8.00 -10.11
CA THR A 85 30.55 8.62 -10.69
C THR A 85 30.86 9.21 -12.05
N PHE A 86 29.87 9.16 -12.94
CA PHE A 86 29.89 9.80 -14.24
C PHE A 86 28.60 10.57 -14.43
N ASN A 87 28.69 11.87 -14.65
CA ASN A 87 27.51 12.69 -14.88
C ASN A 87 27.13 12.72 -16.36
N MET A 88 25.84 12.99 -16.61
CA MET A 88 25.31 12.89 -17.96
C MET A 88 25.83 14.00 -18.87
N ASP A 89 25.91 15.23 -18.38
CA ASP A 89 26.13 16.36 -19.27
C ASP A 89 26.66 17.56 -18.48
N GLU A 90 27.01 18.61 -19.22
CA GLU A 90 27.56 19.85 -18.64
C GLU A 90 27.43 20.95 -19.70
N TYR A 91 27.22 22.20 -19.30
CA TYR A 91 27.15 23.31 -20.23
C TYR A 91 28.53 23.63 -20.81
N VAL A 92 28.54 24.06 -22.07
CA VAL A 92 29.74 24.52 -22.76
C VAL A 92 29.83 26.03 -22.63
N GLY A 93 31.04 26.54 -22.38
CA GLY A 93 31.26 27.96 -22.28
C GLY A 93 30.96 28.56 -20.92
N LEU A 94 30.29 27.84 -20.06
CA LEU A 94 30.03 28.31 -18.70
C LEU A 94 31.14 27.82 -17.79
N PRO A 95 31.78 28.71 -17.02
CA PRO A 95 32.82 28.25 -16.09
C PRO A 95 32.25 27.25 -15.08
N LYS A 96 33.04 26.23 -14.76
CA LYS A 96 32.60 25.19 -13.80
C LYS A 96 32.35 25.82 -12.42
N GLU A 97 32.97 26.97 -12.15
CA GLU A 97 32.75 27.67 -10.89
C GLU A 97 31.47 28.50 -10.89
N HIS A 98 30.85 28.67 -12.04
CA HIS A 98 29.58 29.40 -12.11
C HIS A 98 28.52 28.64 -11.31
N PRO A 99 27.67 29.33 -10.55
CA PRO A 99 26.69 28.63 -9.71
C PRO A 99 25.71 27.75 -10.48
N GLU A 100 25.48 28.03 -11.76
CA GLU A 100 24.49 27.29 -12.54
C GLU A 100 25.09 26.20 -13.41
N SER A 101 26.39 25.92 -13.26
CA SER A 101 27.01 24.79 -13.99
C SER A 101 26.57 23.46 -13.34
N TYR A 102 26.70 22.38 -14.08
CA TYR A 102 26.32 21.05 -13.55
C TYR A 102 27.37 20.60 -12.54
N HIS A 103 28.62 21.04 -12.72
CA HIS A 103 29.68 20.76 -11.72
C HIS A 103 29.22 21.37 -10.40
N SER A 104 28.78 22.62 -10.43
CA SER A 104 28.33 23.29 -9.20
C SER A 104 27.10 22.59 -8.62
N PHE A 105 26.15 22.19 -9.45
CA PHE A 105 24.94 21.47 -8.96
C PHE A 105 25.37 20.20 -8.23
N MET A 106 26.22 19.39 -8.84
CA MET A 106 26.60 18.09 -8.23
C MET A 106 27.37 18.29 -6.92
N TYR A 107 28.25 19.28 -6.87
CA TYR A 107 29.06 19.45 -5.66
C TYR A 107 28.18 20.07 -4.58
N LYS A 108 27.44 21.13 -4.92
CA LYS A 108 26.63 21.86 -3.94
C LYS A 108 25.55 21.00 -3.34
N ASN A 109 24.96 20.10 -4.13
CA ASN A 109 23.82 19.32 -3.71
C ASN A 109 24.13 17.87 -3.37
N PHE A 110 25.37 17.40 -3.59
CA PHE A 110 25.67 16.01 -3.32
C PHE A 110 27.12 15.78 -2.88
N PHE A 111 28.08 16.06 -3.76
CA PHE A 111 29.46 15.66 -3.52
C PHE A 111 30.03 16.29 -2.26
N ASP A 112 29.71 17.56 -1.99
CA ASP A 112 30.25 18.24 -0.82
C ASP A 112 29.71 17.69 0.50
N HIS A 113 28.75 16.77 0.46
CA HIS A 113 28.11 16.28 1.67
C HIS A 113 28.31 14.80 1.92
N VAL A 114 29.01 14.09 1.04
CA VAL A 114 29.30 12.67 1.21
C VAL A 114 30.81 12.48 1.07
N ASP A 115 31.27 11.30 1.45
CA ASP A 115 32.71 10.99 1.46
C ASP A 115 33.21 10.48 0.11
N ILE A 116 32.77 11.10 -0.99
CA ILE A 116 33.29 10.75 -2.31
C ILE A 116 34.68 11.35 -2.48
N GLN A 117 35.51 10.68 -3.27
CA GLN A 117 36.86 11.16 -3.56
C GLN A 117 36.87 11.91 -4.88
N GLU A 118 37.59 13.04 -4.91
CA GLU A 118 37.64 13.88 -6.11
C GLU A 118 38.09 13.10 -7.34
N LYS A 119 39.08 12.21 -7.18
CA LYS A 119 39.59 11.47 -8.32
C LYS A 119 38.58 10.47 -8.86
N ASN A 120 37.56 10.11 -8.07
CA ASN A 120 36.51 9.21 -8.53
C ASN A 120 35.31 9.96 -9.10
N ILE A 121 35.35 11.28 -9.12
CA ILE A 121 34.28 12.10 -9.69
C ILE A 121 34.61 12.41 -11.13
N ASN A 122 33.66 12.17 -12.04
CA ASN A 122 33.84 12.47 -13.45
C ASN A 122 32.66 13.28 -13.96
N ILE A 123 32.93 14.51 -14.38
CA ILE A 123 31.90 15.38 -14.99
C ILE A 123 32.57 15.95 -16.24
N LEU A 124 31.89 15.92 -17.39
CA LEU A 124 32.43 16.46 -18.66
C LEU A 124 32.88 17.92 -18.50
N ASN A 125 34.02 18.28 -19.09
CA ASN A 125 34.52 19.67 -19.05
C ASN A 125 34.10 20.37 -20.33
N GLY A 126 33.25 21.39 -20.22
CA GLY A 126 32.77 22.10 -21.38
C GLY A 126 33.62 23.29 -21.79
N ASN A 127 34.85 23.37 -21.28
CA ASN A 127 35.73 24.50 -21.55
C ASN A 127 37.13 24.03 -21.95
N THR A 128 37.22 22.84 -22.55
CA THR A 128 38.48 22.32 -23.02
C THR A 128 38.89 22.94 -24.34
N GLU A 129 40.09 22.59 -24.79
CA GLU A 129 40.62 23.07 -26.07
C GLU A 129 39.99 22.38 -27.26
N ASP A 130 39.33 21.24 -27.05
CA ASP A 130 38.69 20.50 -28.13
C ASP A 130 37.50 19.77 -27.52
N HIS A 131 36.28 20.18 -27.91
CA HIS A 131 35.09 19.56 -27.32
C HIS A 131 34.94 18.12 -27.78
N ASP A 132 35.29 17.84 -29.04
CA ASP A 132 35.23 16.47 -29.54
C ASP A 132 36.19 15.56 -28.77
N ALA A 133 37.42 16.03 -28.55
CA ALA A 133 38.39 15.24 -27.81
C ALA A 133 37.96 15.00 -26.38
N GLU A 134 37.40 16.02 -25.73
CA GLU A 134 36.92 15.87 -24.36
C GLU A 134 35.81 14.81 -24.28
N CYS A 135 34.95 14.74 -25.29
CA CYS A 135 33.85 13.75 -25.27
C CYS A 135 34.40 12.32 -25.40
N GLN A 136 35.40 12.12 -26.25
CA GLN A 136 36.01 10.78 -26.45
C GLN A 136 36.80 10.38 -25.20
N ARG A 137 37.46 11.33 -24.55
CA ARG A 137 38.20 11.02 -23.29
C ARG A 137 37.20 10.47 -22.27
N TYR A 138 36.04 11.08 -22.14
CA TYR A 138 35.01 10.63 -21.19
C TYR A 138 34.62 9.19 -21.51
N GLU A 139 34.34 8.93 -22.78
CA GLU A 139 33.95 7.56 -23.22
C GLU A 139 35.03 6.56 -22.86
N GLU A 140 36.30 6.96 -22.96
CA GLU A 140 37.43 6.03 -22.65
C GLU A 140 37.58 5.87 -21.14
N LYS A 141 37.33 6.92 -20.37
CA LYS A 141 37.37 6.80 -18.90
C LYS A 141 36.25 5.86 -18.45
N ILE A 142 35.10 5.87 -19.13
CA ILE A 142 34.02 4.89 -18.79
C ILE A 142 34.55 3.49 -19.08
N LYS A 143 35.10 3.27 -20.27
CA LYS A 143 35.57 1.92 -20.66
C LYS A 143 36.71 1.46 -19.76
N SER A 144 37.49 2.39 -19.21
CA SER A 144 38.62 1.95 -18.41
C SER A 144 38.17 1.25 -17.12
N TYR A 145 36.97 1.57 -16.65
CA TYR A 145 36.38 0.90 -15.50
C TYR A 145 35.58 -0.34 -15.87
N GLY A 146 35.35 -0.56 -17.17
CA GLY A 146 34.58 -1.70 -17.64
C GLY A 146 33.18 -1.29 -18.04
N LYS A 147 32.26 -1.23 -17.08
CA LYS A 147 30.91 -0.76 -17.32
C LYS A 147 30.41 -0.03 -16.09
N ILE A 148 29.42 0.83 -16.30
CA ILE A 148 28.71 1.48 -15.21
C ILE A 148 27.72 0.49 -14.61
N HIS A 149 27.77 0.32 -13.29
CA HIS A 149 26.89 -0.66 -12.66
C HIS A 149 25.45 -0.17 -12.54
N LEU A 150 25.25 1.13 -12.37
CA LEU A 150 23.91 1.69 -12.23
C LEU A 150 23.94 3.12 -12.75
N PHE A 151 23.11 3.39 -13.75
CA PHE A 151 22.98 4.74 -14.31
C PHE A 151 21.60 5.27 -13.97
N MET A 152 21.57 6.27 -13.09
CA MET A 152 20.34 6.96 -12.75
C MET A 152 20.12 8.11 -13.74
N GLY A 153 18.87 8.33 -14.11
CA GLY A 153 18.57 9.40 -15.05
C GLY A 153 17.13 9.87 -14.90
N GLY A 154 16.86 10.99 -15.58
CA GLY A 154 15.52 11.49 -15.74
C GLY A 154 15.05 11.36 -17.18
N VAL A 155 13.86 11.91 -17.43
CA VAL A 155 13.30 11.92 -18.81
C VAL A 155 12.68 13.29 -18.99
N GLY A 156 12.70 13.79 -20.20
CA GLY A 156 12.04 15.07 -20.48
C GLY A 156 10.60 14.87 -20.86
N VAL A 157 9.88 15.94 -21.10
CA VAL A 157 8.46 15.90 -21.44
C VAL A 157 8.25 15.19 -22.78
N ASP A 158 9.27 15.27 -23.65
CA ASP A 158 9.20 14.66 -25.00
C ASP A 158 9.95 13.33 -25.02
N GLY A 159 10.29 12.81 -23.85
CA GLY A 159 10.93 11.49 -23.79
C GLY A 159 12.43 11.51 -24.05
N HIS A 160 13.04 12.70 -24.07
CA HIS A 160 14.48 12.80 -24.39
C HIS A 160 15.33 12.48 -23.16
N ILE A 161 16.51 11.90 -23.39
CA ILE A 161 17.43 11.61 -22.26
C ILE A 161 18.58 12.63 -22.34
N ALA A 162 18.93 13.23 -21.21
CA ALA A 162 20.07 14.18 -21.14
C ALA A 162 19.87 15.32 -22.13
N PHE A 163 20.88 15.64 -22.94
CA PHE A 163 20.73 16.65 -23.99
C PHE A 163 20.71 16.02 -25.37
N ASN A 164 20.47 14.71 -25.42
CA ASN A 164 20.34 14.03 -26.73
C ASN A 164 19.04 14.49 -27.38
N GLU A 165 19.02 14.66 -28.70
CA GLU A 165 17.82 15.04 -29.42
C GLU A 165 16.73 14.01 -29.19
N PRO A 166 15.41 14.38 -29.15
CA PRO A 166 14.32 13.40 -29.00
C PRO A 166 14.47 12.20 -29.96
N ALA A 167 14.98 12.44 -31.17
CA ALA A 167 15.07 11.37 -32.14
C ALA A 167 16.53 10.95 -32.33
N SER A 168 17.25 10.74 -31.22
CA SER A 168 18.63 10.31 -31.30
C SER A 168 18.72 8.82 -31.61
N SER A 169 19.75 8.45 -32.37
CA SER A 169 20.04 7.06 -32.64
C SER A 169 20.39 6.32 -31.36
N LEU A 170 19.98 5.05 -31.29
CA LEU A 170 20.27 4.24 -30.11
C LEU A 170 21.75 3.92 -29.96
N SER A 171 22.57 4.18 -30.98
CA SER A 171 24.01 3.98 -30.91
C SER A 171 24.78 5.27 -30.66
N SER A 172 24.08 6.37 -30.38
CA SER A 172 24.75 7.66 -30.23
C SER A 172 25.68 7.65 -29.02
N ARG A 173 26.77 8.41 -29.13
CA ARG A 173 27.78 8.43 -28.04
C ARG A 173 28.00 9.88 -27.58
N THR A 174 28.89 10.08 -26.62
CA THR A 174 29.15 11.42 -26.04
C THR A 174 29.54 12.42 -27.14
N ARG A 175 28.91 13.59 -27.17
CA ARG A 175 29.15 14.58 -28.21
C ARG A 175 28.62 15.93 -27.76
N ILE A 176 29.01 16.96 -28.50
CA ILE A 176 28.51 18.31 -28.27
C ILE A 176 27.16 18.47 -28.95
N LYS A 177 26.24 19.16 -28.29
CA LYS A 177 24.90 19.39 -28.81
C LYS A 177 24.50 20.84 -28.62
N THR A 178 23.76 21.36 -29.60
CA THR A 178 23.11 22.66 -29.46
C THR A 178 21.80 22.45 -28.69
N LEU A 179 21.54 23.32 -27.72
CA LEU A 179 20.30 23.21 -26.96
C LEU A 179 19.11 23.62 -27.82
N THR A 180 18.05 22.82 -27.75
CA THR A 180 16.82 23.14 -28.46
C THR A 180 16.16 24.36 -27.84
N GLU A 181 15.17 24.89 -28.56
CA GLU A 181 14.44 26.06 -28.05
C GLU A 181 13.66 25.72 -26.78
N ASP A 182 13.26 24.46 -26.61
CA ASP A 182 12.50 24.08 -25.42
C ASP A 182 13.40 23.98 -24.20
N THR A 183 14.63 23.50 -24.36
CA THR A 183 15.52 23.39 -23.22
C THR A 183 16.04 24.74 -22.76
N LEU A 184 16.14 25.71 -23.68
CA LEU A 184 16.62 27.04 -23.31
C LEU A 184 15.59 27.79 -22.45
N ILE A 185 14.31 27.66 -22.77
CA ILE A 185 13.29 28.39 -22.04
C ILE A 185 13.02 27.75 -20.68
N ALA A 186 13.10 26.42 -20.62
CA ALA A 186 12.97 25.73 -19.34
C ALA A 186 14.11 26.12 -18.40
N ASN A 187 15.34 25.84 -18.79
CA ASN A 187 16.51 26.20 -17.99
C ASN A 187 16.72 27.71 -17.83
N SER A 188 15.86 28.54 -18.42
CA SER A 188 16.03 29.99 -18.30
C SER A 188 15.76 30.48 -16.88
N ARG A 189 14.95 29.76 -16.11
CA ARG A 189 14.69 30.15 -14.73
C ARG A 189 15.97 30.16 -13.90
N PHE A 190 16.96 29.35 -14.29
CA PHE A 190 18.24 29.33 -13.59
C PHE A 190 19.16 30.48 -14.01
N PHE A 191 18.83 31.20 -15.07
CA PHE A 191 19.69 32.27 -15.57
C PHE A 191 18.93 33.59 -15.64
N ASP A 192 18.35 33.98 -14.51
CA ASP A 192 17.68 35.28 -14.35
C ASP A 192 16.51 35.46 -15.31
N ASN A 193 15.86 34.34 -15.65
CA ASN A 193 14.70 34.35 -16.55
C ASN A 193 15.02 35.06 -17.87
N ASP A 194 16.23 34.84 -18.38
CA ASP A 194 16.70 35.46 -19.61
C ASP A 194 17.20 34.34 -20.52
N VAL A 195 16.46 34.08 -21.60
CA VAL A 195 16.81 32.97 -22.50
C VAL A 195 18.13 33.24 -23.20
N ASN A 196 18.50 34.51 -23.34
CA ASN A 196 19.77 34.87 -23.98
C ASN A 196 20.97 34.64 -23.06
N LYS A 197 20.74 34.38 -21.78
CA LYS A 197 21.82 34.07 -20.84
C LYS A 197 22.07 32.58 -20.68
N VAL A 198 21.17 31.74 -21.15
CA VAL A 198 21.36 30.29 -21.05
C VAL A 198 22.45 29.88 -22.04
N PRO A 199 23.40 29.02 -21.65
CA PRO A 199 24.41 28.56 -22.60
C PRO A 199 23.77 27.85 -23.78
N LYS A 200 24.29 28.15 -24.98
CA LYS A 200 23.70 27.65 -26.21
C LYS A 200 24.14 26.22 -26.54
N TYR A 201 25.19 25.73 -25.89
CA TYR A 201 25.77 24.44 -26.22
C TYR A 201 25.95 23.62 -24.95
N ALA A 202 26.04 22.30 -25.12
CA ALA A 202 26.34 21.41 -24.02
C ALA A 202 27.00 20.14 -24.55
N LEU A 203 27.83 19.54 -23.70
CA LEU A 203 28.36 18.20 -23.95
C LEU A 203 27.47 17.20 -23.21
N THR A 204 27.08 16.13 -23.89
CA THR A 204 26.15 15.17 -23.32
C THR A 204 26.51 13.75 -23.74
N ILE A 205 26.33 12.81 -22.81
CA ILE A 205 26.47 11.40 -23.14
C ILE A 205 25.42 11.00 -24.17
N GLY A 206 25.72 9.92 -24.90
CA GLY A 206 24.81 9.40 -25.91
C GLY A 206 23.84 8.39 -25.34
N VAL A 207 22.89 7.99 -26.18
CA VAL A 207 21.93 6.95 -25.80
C VAL A 207 22.64 5.61 -25.65
N GLY A 208 23.57 5.31 -26.55
CA GLY A 208 24.36 4.10 -26.42
C GLY A 208 25.17 4.07 -25.14
N THR A 209 25.66 5.24 -24.71
CA THR A 209 26.43 5.33 -23.45
C THR A 209 25.54 4.92 -22.28
N LEU A 210 24.28 5.38 -22.26
CA LEU A 210 23.36 5.01 -21.19
C LEU A 210 23.02 3.52 -21.23
N LEU A 211 22.75 2.98 -22.42
CA LEU A 211 22.34 1.58 -22.54
C LEU A 211 23.46 0.60 -22.23
N ASP A 212 24.72 1.04 -22.27
CA ASP A 212 25.82 0.13 -21.97
C ASP A 212 25.92 -0.21 -20.49
N ALA A 213 25.30 0.59 -19.62
CA ALA A 213 25.31 0.31 -18.19
C ALA A 213 24.57 -0.98 -17.87
N GLU A 214 24.96 -1.63 -16.76
CA GLU A 214 24.27 -2.83 -16.34
C GLU A 214 22.82 -2.54 -15.98
N GLU A 215 22.56 -1.38 -15.39
CA GLU A 215 21.22 -1.03 -14.93
C GLU A 215 20.97 0.45 -15.18
N VAL A 216 19.73 0.76 -15.55
CA VAL A 216 19.29 2.13 -15.76
C VAL A 216 18.07 2.34 -14.88
N MET A 217 18.10 3.40 -14.07
CA MET A 217 16.98 3.75 -13.20
C MET A 217 16.52 5.16 -13.58
N ILE A 218 15.28 5.26 -14.05
CA ILE A 218 14.73 6.52 -14.53
C ILE A 218 13.71 7.03 -13.54
N LEU A 219 13.88 8.28 -13.12
CA LEU A 219 12.96 8.94 -12.20
C LEU A 219 11.98 9.80 -13.02
N VAL A 220 10.69 9.54 -12.87
CA VAL A 220 9.65 10.17 -13.68
C VAL A 220 8.55 10.68 -12.74
N THR A 221 8.52 11.99 -12.49
CA THR A 221 7.50 12.59 -11.64
C THR A 221 6.85 13.77 -12.37
N GLY A 222 5.59 14.02 -12.04
CA GLY A 222 4.88 15.16 -12.56
C GLY A 222 3.91 14.81 -13.68
N TYR A 223 2.81 15.59 -13.74
CA TYR A 223 1.82 15.39 -14.80
C TYR A 223 2.42 15.57 -16.18
N ASN A 224 3.34 16.51 -16.32
CA ASN A 224 3.94 16.81 -17.63
C ASN A 224 4.79 15.67 -18.17
N LYS A 225 5.12 14.68 -17.34
CA LYS A 225 5.87 13.51 -17.76
C LYS A 225 4.99 12.30 -18.04
N ALA A 226 3.66 12.48 -18.06
CA ALA A 226 2.76 11.34 -18.18
C ALA A 226 2.86 10.67 -19.55
N GLN A 227 2.91 11.48 -20.62
CA GLN A 227 3.07 10.89 -21.95
C GLN A 227 4.42 10.22 -22.10
N ALA A 228 5.47 10.80 -21.50
CA ALA A 228 6.79 10.19 -21.58
C ALA A 228 6.83 8.84 -20.86
N LEU A 229 6.20 8.76 -19.68
CA LEU A 229 6.16 7.49 -18.97
C LEU A 229 5.36 6.45 -19.74
N GLN A 230 4.26 6.88 -20.37
CA GLN A 230 3.45 5.95 -21.15
C GLN A 230 4.23 5.42 -22.36
N ALA A 231 4.96 6.31 -23.04
CA ALA A 231 5.80 5.88 -24.15
C ALA A 231 6.88 4.93 -23.68
N ALA A 232 7.46 5.19 -22.51
CA ALA A 232 8.53 4.34 -21.99
C ALA A 232 8.02 2.95 -21.62
N VAL A 233 6.84 2.87 -21.01
CA VAL A 233 6.36 1.61 -20.46
C VAL A 233 5.49 0.85 -21.46
N GLU A 234 4.59 1.52 -22.16
CA GLU A 234 3.62 0.84 -22.99
C GLU A 234 3.86 0.94 -24.49
N GLY A 235 4.47 2.02 -24.97
CA GLY A 235 4.63 2.18 -26.40
C GLY A 235 5.69 1.28 -26.98
N SER A 236 5.66 1.14 -28.30
CA SER A 236 6.72 0.45 -29.02
C SER A 236 7.88 1.40 -29.25
N TRP A 241 10.65 9.15 -29.29
CA TRP A 241 10.74 8.97 -27.84
C TRP A 241 11.93 8.08 -27.48
N THR A 242 13.07 8.69 -27.19
CA THR A 242 14.31 7.93 -26.91
C THR A 242 14.08 6.97 -25.75
N VAL A 243 13.33 7.40 -24.73
CA VAL A 243 13.15 6.57 -23.53
C VAL A 243 12.57 5.19 -23.86
N THR A 244 11.96 5.03 -25.04
CA THR A 244 11.42 3.73 -25.40
C THR A 244 12.51 2.68 -25.62
N ALA A 245 13.76 3.11 -25.84
CA ALA A 245 14.86 2.15 -25.98
C ALA A 245 15.07 1.34 -24.70
N LEU A 246 14.64 1.85 -23.55
CA LEU A 246 14.74 1.11 -22.30
C LEU A 246 14.01 -0.22 -22.34
N GLN A 247 13.00 -0.36 -23.21
CA GLN A 247 12.22 -1.60 -23.25
C GLN A 247 13.06 -2.79 -23.69
N MET A 248 14.14 -2.55 -24.45
CA MET A 248 15.04 -3.60 -24.88
C MET A 248 16.26 -3.72 -23.98
N HIS A 249 16.31 -2.95 -22.89
CA HIS A 249 17.45 -3.02 -21.98
C HIS A 249 17.24 -4.15 -20.99
N ARG A 250 18.34 -4.80 -20.61
CA ARG A 250 18.27 -5.98 -19.78
C ARG A 250 17.65 -5.69 -18.41
N ARG A 251 18.04 -4.57 -17.79
CA ARG A 251 17.62 -4.28 -16.41
C ARG A 251 17.26 -2.79 -16.32
N ALA A 252 16.02 -2.47 -16.70
CA ALA A 252 15.51 -1.12 -16.65
C ALA A 252 14.55 -0.96 -15.47
N ILE A 253 14.69 0.12 -14.72
CA ILE A 253 13.84 0.43 -13.58
C ILE A 253 13.33 1.86 -13.75
N ILE A 254 12.01 2.03 -13.66
CA ILE A 254 11.39 3.34 -13.70
C ILE A 254 10.65 3.57 -12.39
N VAL A 255 10.98 4.66 -11.71
CA VAL A 255 10.35 5.04 -10.45
C VAL A 255 9.52 6.29 -10.71
N CYS A 256 8.21 6.19 -10.48
CA CYS A 256 7.28 7.26 -10.82
C CYS A 256 6.37 7.56 -9.64
N ASP A 257 5.76 8.75 -9.69
CA ASP A 257 4.72 9.14 -8.74
C ASP A 257 3.36 9.02 -9.39
N GLU A 258 2.32 9.24 -8.60
CA GLU A 258 0.96 9.06 -9.09
C GLU A 258 0.59 10.00 -10.24
N PRO A 259 0.90 11.31 -10.18
CA PRO A 259 0.60 12.16 -11.35
C PRO A 259 1.25 11.70 -12.65
N ALA A 260 2.43 11.08 -12.59
CA ALA A 260 3.11 10.65 -13.81
C ALA A 260 2.41 9.48 -14.50
N THR A 261 1.49 8.80 -13.82
CA THR A 261 0.86 7.59 -14.36
C THR A 261 -0.46 7.87 -15.07
N GLN A 262 -0.82 9.14 -15.28
CA GLN A 262 -2.16 9.46 -15.74
C GLN A 262 -2.46 8.91 -17.12
N GLU A 263 -1.43 8.71 -17.95
CA GLU A 263 -1.64 8.20 -19.31
C GLU A 263 -1.45 6.69 -19.43
N LEU A 264 -0.99 6.02 -18.38
CA LEU A 264 -0.85 4.57 -18.42
C LEU A 264 -2.22 3.90 -18.34
N LYS A 265 -2.27 2.67 -18.87
CA LYS A 265 -3.48 1.86 -18.73
C LYS A 265 -3.62 1.38 -17.29
N VAL A 266 -4.88 1.20 -16.87
CA VAL A 266 -5.17 0.75 -15.52
C VAL A 266 -4.46 -0.56 -15.21
N LYS A 267 -4.50 -1.51 -16.15
CA LYS A 267 -3.87 -2.81 -15.93
C LYS A 267 -2.37 -2.70 -15.76
N THR A 268 -1.74 -1.70 -16.36
CA THR A 268 -0.30 -1.55 -16.23
C THR A 268 0.07 -1.11 -14.82
N VAL A 269 -0.57 -0.06 -14.31
CA VAL A 269 -0.29 0.39 -12.96
C VAL A 269 -0.71 -0.67 -11.94
N LYS A 270 -1.85 -1.32 -12.18
CA LYS A 270 -2.32 -2.33 -11.24
C LYS A 270 -1.33 -3.50 -11.13
N TYR A 271 -0.79 -3.97 -12.25
CA TYR A 271 0.12 -5.11 -12.21
C TYR A 271 1.39 -4.77 -11.44
N PHE A 272 1.99 -3.62 -11.72
CA PHE A 272 3.25 -3.27 -11.05
C PHE A 272 3.04 -2.86 -9.60
N THR A 273 1.85 -2.35 -9.26
CA THR A 273 1.57 -2.02 -7.87
C THR A 273 1.52 -3.27 -7.00
N GLU A 274 0.97 -4.36 -7.55
CA GLU A 274 0.94 -5.63 -6.84
C GLU A 274 2.29 -6.32 -6.85
N LEU A 275 3.03 -6.18 -7.94
CA LEU A 275 4.35 -6.82 -8.05
C LEU A 275 5.32 -6.25 -7.00
N GLU A 276 5.21 -4.94 -6.71
CA GLU A 276 6.13 -4.34 -5.75
C GLU A 276 5.68 -4.63 -4.32
N ALA A 277 4.37 -4.59 -4.08
CA ALA A 277 3.85 -5.01 -2.78
C ALA A 277 4.21 -6.46 -2.51
N SER A 278 4.40 -7.25 -3.57
CA SER A 278 4.78 -8.65 -3.43
C SER A 278 6.20 -8.80 -2.93
N ALA A 279 7.10 -7.89 -3.33
CA ALA A 279 8.49 -7.92 -2.87
C ALA A 279 8.60 -7.44 -1.43
N MET B 18 -21.51 11.55 -22.07
CA MET B 18 -21.58 10.17 -21.64
C MET B 18 -21.21 10.00 -20.17
N ARG B 19 -21.94 9.14 -19.47
CA ARG B 19 -21.65 8.80 -18.09
C ARG B 19 -21.04 7.42 -18.03
N LEU B 20 -19.98 7.28 -17.23
CA LEU B 20 -19.38 5.99 -16.93
C LEU B 20 -19.52 5.74 -15.43
N ILE B 21 -20.14 4.62 -15.08
CA ILE B 21 -20.32 4.25 -13.67
C ILE B 21 -19.36 3.11 -13.35
N PRO B 22 -18.17 3.40 -12.84
CA PRO B 22 -17.20 2.34 -12.54
C PRO B 22 -17.47 1.71 -11.18
N LEU B 23 -18.02 0.50 -11.19
CA LEU B 23 -18.34 -0.24 -9.99
C LEU B 23 -17.35 -1.39 -9.83
N HIS B 24 -17.47 -2.11 -8.71
CA HIS B 24 -16.46 -3.11 -8.38
C HIS B 24 -16.71 -4.46 -9.06
N ASN B 25 -17.93 -4.98 -8.97
CA ASN B 25 -18.21 -6.34 -9.40
C ASN B 25 -19.53 -6.38 -10.18
N VAL B 26 -19.85 -7.58 -10.68
CA VAL B 26 -21.04 -7.75 -11.51
C VAL B 26 -22.31 -7.58 -10.69
N ASP B 27 -22.30 -8.01 -9.43
CA ASP B 27 -23.48 -7.84 -8.57
C ASP B 27 -23.83 -6.38 -8.40
N GLN B 28 -22.83 -5.52 -8.20
CA GLN B 28 -23.09 -4.09 -8.05
C GLN B 28 -23.60 -3.50 -9.36
N VAL B 29 -23.07 -3.98 -10.49
CA VAL B 29 -23.59 -3.54 -11.79
C VAL B 29 -25.06 -3.92 -11.92
N ALA B 30 -25.41 -5.12 -11.46
CA ALA B 30 -26.80 -5.58 -11.51
C ALA B 30 -27.68 -4.73 -10.60
N LYS B 31 -27.25 -4.50 -9.36
CA LYS B 31 -28.07 -3.75 -8.41
C LYS B 31 -28.24 -2.30 -8.84
N TRP B 32 -27.17 -1.66 -9.29
CA TRP B 32 -27.25 -0.26 -9.69
C TRP B 32 -28.15 -0.08 -10.91
N SER B 33 -27.98 -0.93 -11.93
CA SER B 33 -28.76 -0.79 -13.15
C SER B 33 -30.23 -1.06 -12.90
N ALA B 34 -30.54 -2.04 -12.04
CA ALA B 34 -31.94 -2.29 -11.69
C ALA B 34 -32.53 -1.13 -10.92
N ARG B 35 -31.77 -0.56 -9.98
CA ARG B 35 -32.26 0.58 -9.22
C ARG B 35 -32.46 1.80 -10.12
N TYR B 36 -31.58 1.99 -11.10
CA TYR B 36 -31.73 3.11 -12.02
C TYR B 36 -33.00 2.97 -12.85
N ILE B 37 -33.31 1.77 -13.31
CA ILE B 37 -34.54 1.55 -14.07
C ILE B 37 -35.75 1.83 -13.20
N VAL B 38 -35.74 1.33 -11.97
CA VAL B 38 -36.89 1.50 -11.07
C VAL B 38 -37.08 2.97 -10.72
N ASP B 39 -36.00 3.67 -10.40
CA ASP B 39 -36.11 5.08 -10.05
C ASP B 39 -36.67 5.90 -11.20
N ARG B 40 -36.26 5.60 -12.44
CA ARG B 40 -36.81 6.34 -13.57
C ARG B 40 -38.28 6.04 -13.79
N ILE B 41 -38.69 4.78 -13.58
CA ILE B 41 -40.10 4.44 -13.74
C ILE B 41 -40.95 5.17 -12.69
N ASN B 42 -40.45 5.24 -11.46
CA ASN B 42 -41.17 5.93 -10.40
C ASN B 42 -41.10 7.44 -10.54
N GLN B 43 -40.03 7.95 -11.16
CA GLN B 43 -39.98 9.36 -11.53
C GLN B 43 -40.90 9.68 -12.69
N PHE B 44 -41.10 8.72 -13.59
CA PHE B 44 -41.97 8.93 -14.75
C PHE B 44 -43.44 8.85 -14.37
N GLN B 45 -43.80 7.91 -13.49
CA GLN B 45 -45.17 7.64 -13.08
C GLN B 45 -46.00 7.27 -14.29
N PRO B 46 -45.85 6.06 -14.82
CA PRO B 46 -46.54 5.70 -16.06
C PRO B 46 -48.01 5.37 -15.83
N THR B 47 -48.80 5.65 -16.87
CA THR B 47 -50.23 5.34 -16.89
C THR B 47 -50.54 4.62 -18.19
N GLU B 48 -51.82 4.28 -18.37
CA GLU B 48 -52.25 3.67 -19.62
C GLU B 48 -52.07 4.61 -20.80
N ALA B 49 -52.41 5.89 -20.62
CA ALA B 49 -52.26 6.86 -21.70
C ALA B 49 -50.81 7.22 -21.93
N ARG B 50 -49.99 7.21 -20.88
CA ARG B 50 -48.60 7.66 -20.92
C ARG B 50 -47.71 6.60 -20.30
N PRO B 51 -47.41 5.52 -21.03
CA PRO B 51 -46.60 4.45 -20.46
C PRO B 51 -45.11 4.77 -20.54
N PHE B 52 -44.35 4.05 -19.70
CA PHE B 52 -42.89 4.09 -19.74
C PHE B 52 -42.41 3.02 -20.71
N VAL B 53 -41.63 3.42 -21.72
CA VAL B 53 -41.19 2.54 -22.78
C VAL B 53 -39.73 2.17 -22.51
N LEU B 54 -39.46 0.87 -22.44
CA LEU B 54 -38.18 0.34 -21.99
C LEU B 54 -37.64 -0.66 -23.00
N GLY B 55 -36.41 -0.43 -23.48
CA GLY B 55 -35.74 -1.37 -24.35
C GLY B 55 -34.93 -2.38 -23.55
N LEU B 56 -34.94 -3.64 -24.00
CA LEU B 56 -34.39 -4.72 -23.20
C LEU B 56 -33.48 -5.62 -24.01
N PRO B 57 -32.36 -6.06 -23.43
CA PRO B 57 -31.48 -7.03 -24.10
C PRO B 57 -31.60 -8.42 -23.50
N THR B 58 -30.82 -9.36 -24.02
CA THR B 58 -30.67 -10.68 -23.45
C THR B 58 -29.20 -10.96 -23.17
N GLY B 59 -28.93 -12.07 -22.49
CA GLY B 59 -27.59 -12.52 -22.23
C GLY B 59 -27.31 -12.67 -20.74
N GLY B 60 -26.07 -13.10 -20.46
CA GLY B 60 -25.69 -13.38 -19.08
C GLY B 60 -25.65 -12.13 -18.21
N THR B 61 -25.10 -11.04 -18.74
CA THR B 61 -25.00 -9.82 -17.93
C THR B 61 -26.35 -9.16 -17.72
N PRO B 62 -27.22 -9.00 -18.74
CA PRO B 62 -28.58 -8.52 -18.45
C PRO B 62 -29.35 -9.42 -17.51
N LEU B 63 -29.06 -10.73 -17.50
CA LEU B 63 -29.78 -11.65 -16.62
C LEU B 63 -29.70 -11.24 -15.16
N LYS B 64 -28.51 -10.82 -14.69
CA LYS B 64 -28.40 -10.41 -13.30
C LYS B 64 -29.17 -9.13 -13.02
N THR B 65 -29.30 -8.23 -14.00
CA THR B 65 -30.14 -7.07 -13.81
C THR B 65 -31.61 -7.46 -13.66
N TYR B 66 -32.06 -8.43 -14.48
CA TYR B 66 -33.44 -8.90 -14.36
C TYR B 66 -33.69 -9.55 -13.02
N GLU B 67 -32.72 -10.34 -12.54
CA GLU B 67 -32.85 -10.93 -11.20
C GLU B 67 -32.95 -9.84 -10.13
N ALA B 68 -32.16 -8.78 -10.26
CA ALA B 68 -32.24 -7.69 -9.29
C ALA B 68 -33.54 -6.92 -9.43
N LEU B 69 -34.06 -6.77 -10.66
CA LEU B 69 -35.34 -6.13 -10.86
C LEU B 69 -36.47 -6.93 -10.22
N ILE B 70 -36.40 -8.25 -10.28
CA ILE B 70 -37.43 -9.09 -9.68
C ILE B 70 -37.46 -8.92 -8.16
N GLU B 71 -36.29 -8.81 -7.52
CA GLU B 71 -36.27 -8.58 -6.08
C GLU B 71 -36.89 -7.24 -5.74
N LEU B 72 -36.61 -6.21 -6.54
CA LEU B 72 -37.22 -4.90 -6.29
C LEU B 72 -38.72 -4.93 -6.50
N TYR B 73 -39.20 -5.73 -7.45
CA TYR B 73 -40.64 -5.89 -7.64
C TYR B 73 -41.28 -6.60 -6.46
N LYS B 74 -40.67 -7.70 -5.99
CA LYS B 74 -41.23 -8.41 -4.85
C LYS B 74 -41.22 -7.56 -3.60
N ALA B 75 -40.33 -6.58 -3.51
CA ALA B 75 -40.28 -5.68 -2.37
C ALA B 75 -41.31 -4.56 -2.44
N GLY B 76 -42.14 -4.53 -3.48
CA GLY B 76 -43.10 -3.47 -3.65
C GLY B 76 -42.52 -2.16 -4.13
N GLU B 77 -41.27 -2.16 -4.58
CA GLU B 77 -40.59 -0.93 -4.97
C GLU B 77 -40.96 -0.45 -6.37
N VAL B 78 -41.56 -1.30 -7.19
CA VAL B 78 -41.82 -0.94 -8.59
C VAL B 78 -42.95 -1.82 -9.11
N SER B 79 -43.71 -1.28 -10.05
CA SER B 79 -44.71 -2.01 -10.81
C SER B 79 -44.46 -1.81 -12.29
N PHE B 80 -44.60 -2.89 -13.06
CA PHE B 80 -44.42 -2.86 -14.50
C PHE B 80 -45.75 -2.90 -15.24
N LYS B 81 -46.84 -2.55 -14.56
CA LYS B 81 -48.17 -2.69 -15.15
C LYS B 81 -48.31 -1.82 -16.39
N HIS B 82 -47.76 -0.61 -16.36
CA HIS B 82 -47.83 0.33 -17.47
C HIS B 82 -46.44 0.60 -18.04
N VAL B 83 -45.61 -0.43 -18.12
CA VAL B 83 -44.32 -0.37 -18.78
C VAL B 83 -44.41 -1.16 -20.08
N VAL B 84 -44.06 -0.51 -21.19
CA VAL B 84 -44.02 -1.14 -22.50
C VAL B 84 -42.58 -1.46 -22.84
N THR B 85 -42.33 -2.68 -23.31
CA THR B 85 -40.97 -3.14 -23.57
C THR B 85 -40.76 -3.47 -25.04
N PHE B 86 -39.55 -3.23 -25.51
CA PHE B 86 -39.10 -3.60 -26.85
C PHE B 86 -37.76 -4.32 -26.72
N ASN B 87 -37.69 -5.55 -27.22
CA ASN B 87 -36.44 -6.31 -27.16
C ASN B 87 -35.58 -6.02 -28.39
N MET B 88 -34.27 -6.23 -28.22
CA MET B 88 -33.32 -5.86 -29.26
C MET B 88 -33.44 -6.74 -30.49
N ASP B 89 -33.60 -8.05 -30.31
CA ASP B 89 -33.45 -8.97 -31.43
C ASP B 89 -34.11 -10.30 -31.09
N GLU B 90 -34.09 -11.21 -32.07
CA GLU B 90 -34.66 -12.54 -31.98
C GLU B 90 -34.18 -13.36 -33.17
N TYR B 91 -34.01 -14.66 -32.96
CA TYR B 91 -33.56 -15.55 -34.02
C TYR B 91 -34.63 -15.75 -35.08
N VAL B 92 -34.19 -15.91 -36.32
CA VAL B 92 -35.04 -16.23 -37.46
C VAL B 92 -35.06 -17.74 -37.66
N GLY B 93 -36.24 -18.29 -37.96
CA GLY B 93 -36.38 -19.70 -38.22
C GLY B 93 -36.48 -20.60 -37.02
N LEU B 94 -36.17 -20.09 -35.83
CA LEU B 94 -36.29 -20.82 -34.58
C LEU B 94 -37.68 -20.58 -33.98
N PRO B 95 -38.42 -21.63 -33.63
CA PRO B 95 -39.73 -21.41 -32.99
C PRO B 95 -39.57 -20.63 -31.68
N LYS B 96 -40.53 -19.73 -31.44
CA LYS B 96 -40.45 -18.92 -30.23
C LYS B 96 -40.54 -19.77 -28.96
N GLU B 97 -41.12 -20.95 -29.06
CA GLU B 97 -41.25 -21.85 -27.91
C GLU B 97 -39.97 -22.62 -27.64
N HIS B 98 -39.01 -22.56 -28.56
CA HIS B 98 -37.73 -23.23 -28.35
C HIS B 98 -37.02 -22.65 -27.13
N PRO B 99 -36.38 -23.48 -26.30
CA PRO B 99 -35.76 -22.96 -25.08
C PRO B 99 -34.69 -21.92 -25.31
N GLU B 100 -34.08 -21.88 -26.51
CA GLU B 100 -32.99 -20.96 -26.79
C GLU B 100 -33.44 -19.71 -27.53
N SER B 101 -34.73 -19.58 -27.83
CA SER B 101 -35.21 -18.33 -28.40
C SER B 101 -35.17 -17.22 -27.35
N TYR B 102 -35.11 -15.98 -27.85
CA TYR B 102 -35.11 -14.84 -26.94
C TYR B 102 -36.50 -14.53 -26.40
N HIS B 103 -37.55 -15.03 -27.07
CA HIS B 103 -38.86 -15.08 -26.42
C HIS B 103 -38.79 -15.87 -25.13
N SER B 104 -38.27 -17.10 -25.19
CA SER B 104 -38.20 -17.95 -24.02
C SER B 104 -37.31 -17.34 -22.94
N PHE B 105 -36.21 -16.71 -23.35
CA PHE B 105 -35.31 -16.07 -22.38
C PHE B 105 -36.04 -14.99 -21.60
N MET B 106 -36.79 -14.12 -22.29
CA MET B 106 -37.42 -12.98 -21.62
C MET B 106 -38.55 -13.43 -20.70
N TYR B 107 -39.35 -14.40 -21.11
CA TYR B 107 -40.44 -14.86 -20.26
C TYR B 107 -39.92 -15.64 -19.06
N LYS B 108 -39.01 -16.58 -19.29
CA LYS B 108 -38.52 -17.43 -18.21
C LYS B 108 -37.77 -16.63 -17.15
N ASN B 109 -37.03 -15.60 -17.57
CA ASN B 109 -36.14 -14.89 -16.67
C ASN B 109 -36.66 -13.54 -16.21
N PHE B 110 -37.79 -13.07 -16.75
CA PHE B 110 -38.27 -11.74 -16.34
C PHE B 110 -39.79 -11.64 -16.36
N PHE B 111 -40.40 -11.77 -17.54
CA PHE B 111 -41.82 -11.46 -17.70
C PHE B 111 -42.70 -12.32 -16.80
N ASP B 112 -42.35 -13.60 -16.64
CA ASP B 112 -43.17 -14.48 -15.80
C ASP B 112 -43.10 -14.12 -14.32
N HIS B 113 -42.25 -13.16 -13.92
CA HIS B 113 -42.06 -12.85 -12.51
C HIS B 113 -42.45 -11.42 -12.13
N VAL B 114 -42.88 -10.59 -13.08
CA VAL B 114 -43.30 -9.23 -12.81
C VAL B 114 -44.68 -8.99 -13.38
N ASP B 115 -45.28 -7.86 -12.98
CA ASP B 115 -46.65 -7.52 -13.36
C ASP B 115 -46.74 -6.78 -14.68
N ILE B 116 -45.98 -7.20 -15.68
CA ILE B 116 -46.10 -6.62 -17.02
C ILE B 116 -47.34 -7.18 -17.70
N GLN B 117 -47.92 -6.41 -18.61
CA GLN B 117 -49.10 -6.83 -19.36
C GLN B 117 -48.65 -7.40 -20.70
N GLU B 118 -49.28 -8.52 -21.09
CA GLU B 118 -48.91 -9.22 -22.32
C GLU B 118 -48.93 -8.30 -23.53
N LYS B 119 -49.94 -7.43 -23.64
CA LYS B 119 -50.04 -6.56 -24.80
C LYS B 119 -48.97 -5.48 -24.82
N ASN B 120 -48.30 -5.23 -23.69
CA ASN B 120 -47.23 -4.26 -23.63
C ASN B 120 -45.86 -4.86 -23.90
N ILE B 121 -45.79 -6.16 -24.16
CA ILE B 121 -44.54 -6.83 -24.49
C ILE B 121 -44.38 -6.83 -26.01
N ASN B 122 -43.22 -6.38 -26.48
CA ASN B 122 -42.92 -6.36 -27.91
C ASN B 122 -41.59 -7.06 -28.12
N ILE B 123 -41.62 -8.16 -28.85
CA ILE B 123 -40.43 -8.90 -29.25
C ILE B 123 -40.57 -9.20 -30.74
N LEU B 124 -39.48 -9.04 -31.48
CA LEU B 124 -39.49 -9.35 -32.89
C LEU B 124 -39.89 -10.81 -33.10
N ASN B 125 -40.77 -11.04 -34.06
CA ASN B 125 -41.20 -12.39 -34.42
C ASN B 125 -40.39 -12.85 -35.63
N GLY B 126 -39.56 -13.87 -35.43
CA GLY B 126 -38.69 -14.34 -36.48
C GLY B 126 -39.27 -15.40 -37.38
N ASN B 127 -40.59 -15.61 -37.35
CA ASN B 127 -41.25 -16.65 -38.14
C ASN B 127 -42.51 -16.11 -38.83
N THR B 128 -42.55 -14.81 -39.12
CA THR B 128 -43.65 -14.23 -39.86
C THR B 128 -43.50 -14.54 -41.35
N GLU B 129 -44.52 -14.17 -42.13
CA GLU B 129 -44.49 -14.40 -43.57
C GLU B 129 -43.57 -13.42 -44.31
N ASP B 130 -43.16 -12.32 -43.68
CA ASP B 130 -42.30 -11.35 -44.35
C ASP B 130 -41.41 -10.68 -43.31
N HIS B 131 -40.10 -10.96 -43.38
CA HIS B 131 -39.20 -10.42 -42.37
C HIS B 131 -39.07 -8.91 -42.50
N ASP B 132 -39.05 -8.39 -43.72
CA ASP B 132 -39.00 -6.94 -43.92
C ASP B 132 -40.25 -6.28 -43.33
N ALA B 133 -41.42 -6.85 -43.58
CA ALA B 133 -42.65 -6.28 -43.04
C ALA B 133 -42.67 -6.34 -41.52
N GLU B 134 -42.21 -7.46 -40.94
CA GLU B 134 -42.16 -7.56 -39.48
C GLU B 134 -41.24 -6.51 -38.88
N CYS B 135 -40.09 -6.26 -39.51
CA CYS B 135 -39.17 -5.24 -39.00
C CYS B 135 -39.78 -3.85 -39.13
N GLN B 136 -40.40 -3.55 -40.27
CA GLN B 136 -41.05 -2.26 -40.43
C GLN B 136 -42.18 -2.06 -39.41
N ARG B 137 -42.99 -3.11 -39.21
CA ARG B 137 -44.02 -3.05 -38.19
C ARG B 137 -43.44 -2.76 -36.81
N TYR B 138 -42.29 -3.36 -36.51
CA TYR B 138 -41.62 -3.12 -35.24
C TYR B 138 -41.23 -1.66 -35.09
N GLU B 139 -40.63 -1.08 -36.14
CA GLU B 139 -40.27 0.33 -36.11
C GLU B 139 -41.51 1.21 -35.96
N GLU B 140 -42.59 0.89 -36.68
CA GLU B 140 -43.84 1.63 -36.56
C GLU B 140 -44.42 1.52 -35.17
N LYS B 141 -44.35 0.33 -34.56
CA LYS B 141 -44.87 0.15 -33.21
C LYS B 141 -44.12 1.02 -32.22
N ILE B 142 -42.80 1.13 -32.38
CA ILE B 142 -42.01 2.04 -31.54
C ILE B 142 -42.47 3.48 -31.72
N LYS B 143 -42.62 3.90 -32.99
CA LYS B 143 -43.00 5.27 -33.27
C LYS B 143 -44.40 5.61 -32.75
N SER B 144 -45.28 4.62 -32.66
CA SER B 144 -46.63 4.89 -32.18
C SER B 144 -46.62 5.33 -30.72
N TYR B 145 -45.62 4.93 -29.96
CA TYR B 145 -45.45 5.38 -28.59
C TYR B 145 -44.63 6.66 -28.50
N GLY B 146 -43.99 7.10 -29.59
CA GLY B 146 -43.16 8.28 -29.56
C GLY B 146 -41.69 7.93 -29.54
N LYS B 147 -41.15 7.66 -28.35
CA LYS B 147 -39.77 7.27 -28.18
C LYS B 147 -39.65 6.24 -27.07
N ILE B 148 -38.57 5.47 -27.14
CA ILE B 148 -38.17 4.61 -26.02
C ILE B 148 -37.49 5.50 -24.98
N HIS B 149 -37.96 5.44 -23.73
CA HIS B 149 -37.41 6.33 -22.72
C HIS B 149 -36.06 5.86 -22.22
N LEU B 150 -35.83 4.56 -22.17
CA LEU B 150 -34.57 4.02 -21.68
C LEU B 150 -34.35 2.68 -22.36
N PHE B 151 -33.23 2.55 -23.08
CA PHE B 151 -32.88 1.31 -23.76
C PHE B 151 -31.67 0.71 -23.04
N MET B 152 -31.89 -0.41 -22.37
CA MET B 152 -30.80 -1.15 -21.74
C MET B 152 -30.20 -2.11 -22.76
N GLY B 153 -28.89 -2.27 -22.71
CA GLY B 153 -28.23 -3.17 -23.65
C GLY B 153 -26.91 -3.65 -23.11
N GLY B 154 -26.36 -4.63 -23.81
CA GLY B 154 -25.01 -5.08 -23.60
C GLY B 154 -24.12 -4.71 -24.78
N VAL B 155 -22.91 -5.26 -24.75
CA VAL B 155 -21.95 -5.04 -25.83
C VAL B 155 -21.15 -6.32 -26.03
N GLY B 156 -20.78 -6.58 -27.29
CA GLY B 156 -19.94 -7.71 -27.58
C GLY B 156 -18.48 -7.42 -27.32
N VAL B 157 -17.67 -8.48 -27.34
CA VAL B 157 -16.23 -8.33 -27.13
C VAL B 157 -15.62 -7.44 -28.21
N ASP B 158 -16.22 -7.41 -29.39
CA ASP B 158 -15.74 -6.58 -30.50
C ASP B 158 -16.49 -5.26 -30.61
N GLY B 159 -17.30 -4.92 -29.63
CA GLY B 159 -18.00 -3.66 -29.61
C GLY B 159 -19.34 -3.63 -30.32
N HIS B 160 -19.82 -4.77 -30.83
CA HIS B 160 -21.06 -4.77 -31.58
C HIS B 160 -22.26 -4.64 -30.66
N ILE B 161 -23.36 -4.13 -31.23
CA ILE B 161 -24.61 -3.92 -30.51
C ILE B 161 -25.67 -4.81 -31.15
N ALA B 162 -26.39 -5.57 -30.32
CA ALA B 162 -27.46 -6.48 -30.77
C ALA B 162 -26.86 -7.40 -31.82
N PHE B 163 -27.44 -7.50 -33.03
CA PHE B 163 -26.88 -8.29 -34.11
C PHE B 163 -26.40 -7.44 -35.28
N ASN B 164 -26.14 -6.16 -35.04
CA ASN B 164 -25.59 -5.31 -36.10
C ASN B 164 -24.16 -5.73 -36.42
N GLU B 165 -23.85 -5.79 -37.72
CA GLU B 165 -22.50 -6.11 -38.17
C GLU B 165 -21.52 -5.07 -37.65
N PRO B 166 -20.24 -5.44 -37.51
CA PRO B 166 -19.25 -4.49 -36.97
C PRO B 166 -19.21 -3.15 -37.70
N ALA B 167 -19.39 -3.14 -39.01
CA ALA B 167 -19.38 -1.90 -39.79
C ALA B 167 -20.79 -1.48 -40.18
N SER B 168 -21.70 -1.49 -39.21
CA SER B 168 -23.08 -1.09 -39.48
C SER B 168 -23.20 0.42 -39.58
N SER B 169 -24.09 0.87 -40.47
CA SER B 169 -24.40 2.29 -40.58
C SER B 169 -25.03 2.81 -39.30
N LEU B 170 -24.68 4.04 -38.94
CA LEU B 170 -25.22 4.69 -37.76
C LEU B 170 -26.69 5.06 -37.92
N SER B 171 -27.20 5.05 -39.15
CA SER B 171 -28.60 5.32 -39.42
C SER B 171 -29.41 4.05 -39.69
N SER B 172 -28.79 2.88 -39.51
CA SER B 172 -29.45 1.63 -39.83
C SER B 172 -30.65 1.40 -38.93
N ARG B 173 -31.67 0.74 -39.46
CA ARG B 173 -32.92 0.49 -38.77
C ARG B 173 -33.10 -1.02 -38.56
N THR B 174 -34.25 -1.39 -38.00
CA THR B 174 -34.54 -2.80 -37.75
C THR B 174 -34.61 -3.55 -39.07
N ARG B 175 -33.96 -4.71 -39.12
CA ARG B 175 -33.83 -5.46 -40.35
C ARG B 175 -33.41 -6.89 -40.03
N ILE B 176 -33.51 -7.75 -41.03
CA ILE B 176 -33.00 -9.12 -40.90
C ILE B 176 -31.51 -9.10 -41.22
N LYS B 177 -30.73 -9.82 -40.42
CA LYS B 177 -29.28 -9.84 -40.55
C LYS B 177 -28.74 -11.24 -40.43
N THR B 178 -27.65 -11.51 -41.15
CA THR B 178 -26.88 -12.72 -40.95
C THR B 178 -25.99 -12.55 -39.72
N LEU B 179 -25.94 -13.59 -38.89
CA LEU B 179 -25.04 -13.57 -37.76
C LEU B 179 -23.60 -13.69 -38.27
N THR B 180 -22.71 -12.89 -37.70
CA THR B 180 -21.31 -12.97 -38.10
C THR B 180 -20.72 -14.32 -37.71
N GLU B 181 -19.62 -14.66 -38.37
CA GLU B 181 -18.96 -15.94 -38.08
C GLU B 181 -18.57 -16.02 -36.61
N ASP B 182 -18.11 -14.91 -36.03
CA ASP B 182 -17.75 -14.89 -34.61
C ASP B 182 -18.98 -15.03 -33.72
N THR B 183 -20.10 -14.41 -34.11
CA THR B 183 -21.34 -14.63 -33.37
C THR B 183 -21.83 -16.06 -33.55
N LEU B 184 -21.55 -16.68 -34.71
CA LEU B 184 -21.98 -18.05 -34.93
C LEU B 184 -21.17 -19.04 -34.08
N ILE B 185 -19.86 -18.81 -33.93
CA ILE B 185 -19.08 -19.76 -33.14
C ILE B 185 -19.44 -19.58 -31.67
N ALA B 186 -19.62 -18.33 -31.25
CA ALA B 186 -20.27 -18.06 -29.99
C ALA B 186 -21.73 -18.52 -30.10
N ASN B 187 -22.41 -18.56 -28.97
CA ASN B 187 -23.80 -19.02 -28.93
C ASN B 187 -23.93 -20.46 -29.42
N SER B 188 -22.82 -21.07 -29.86
CA SER B 188 -22.88 -22.47 -30.29
C SER B 188 -23.06 -23.38 -29.09
N ARG B 189 -22.60 -22.94 -27.92
CA ARG B 189 -22.79 -23.70 -26.69
C ARG B 189 -24.26 -23.83 -26.35
N PHE B 190 -25.08 -22.88 -26.80
CA PHE B 190 -26.52 -22.95 -26.58
C PHE B 190 -27.22 -23.88 -27.56
N PHE B 191 -26.54 -24.30 -28.63
CA PHE B 191 -27.16 -25.13 -29.68
C PHE B 191 -26.32 -26.39 -29.90
N ASP B 192 -26.14 -27.16 -28.83
CA ASP B 192 -25.50 -28.48 -28.87
C ASP B 192 -24.05 -28.42 -29.35
N ASN B 193 -23.34 -27.32 -29.07
CA ASN B 193 -21.93 -27.21 -29.49
C ASN B 193 -21.76 -27.47 -30.99
N ASP B 194 -22.66 -26.90 -31.78
CA ASP B 194 -22.64 -27.06 -33.23
C ASP B 194 -22.85 -25.69 -33.85
N VAL B 195 -21.80 -25.19 -34.52
CA VAL B 195 -21.91 -23.92 -35.23
C VAL B 195 -22.95 -24.02 -36.34
N ASN B 196 -23.07 -25.18 -36.97
CA ASN B 196 -24.03 -25.36 -38.06
C ASN B 196 -25.47 -25.38 -37.58
N LYS B 197 -25.71 -25.53 -36.27
CA LYS B 197 -27.06 -25.53 -35.74
C LYS B 197 -27.48 -24.17 -35.15
N VAL B 198 -26.54 -23.25 -34.99
CA VAL B 198 -26.93 -21.89 -34.60
C VAL B 198 -27.73 -21.27 -35.75
N PRO B 199 -28.87 -20.63 -35.47
CA PRO B 199 -29.62 -19.98 -36.54
C PRO B 199 -28.77 -18.95 -37.27
N LYS B 200 -28.85 -18.97 -38.59
CA LYS B 200 -27.97 -18.14 -39.42
C LYS B 200 -28.45 -16.71 -39.55
N TYR B 201 -29.71 -16.44 -39.23
CA TYR B 201 -30.30 -15.12 -39.36
C TYR B 201 -30.99 -14.71 -38.07
N ALA B 202 -31.16 -13.41 -37.91
CA ALA B 202 -31.88 -12.83 -36.79
C ALA B 202 -32.49 -11.51 -37.23
N LEU B 203 -33.59 -11.13 -36.59
CA LEU B 203 -34.13 -9.80 -36.71
C LEU B 203 -33.56 -8.96 -35.58
N THR B 204 -33.07 -7.77 -35.90
CA THR B 204 -32.41 -6.95 -34.90
C THR B 204 -32.72 -5.48 -35.14
N ILE B 205 -32.88 -4.74 -34.05
CA ILE B 205 -32.97 -3.28 -34.18
C ILE B 205 -31.66 -2.75 -34.76
N GLY B 206 -31.77 -1.58 -35.39
CA GLY B 206 -30.60 -0.95 -35.98
C GLY B 206 -29.87 -0.04 -35.01
N VAL B 207 -28.72 0.46 -35.46
CA VAL B 207 -27.97 1.43 -34.66
C VAL B 207 -28.76 2.73 -34.55
N GLY B 208 -29.40 3.15 -35.64
CA GLY B 208 -30.27 4.31 -35.57
C GLY B 208 -31.46 4.10 -34.64
N THR B 209 -32.00 2.87 -34.62
CA THR B 209 -33.10 2.55 -33.72
C THR B 209 -32.70 2.77 -32.26
N LEU B 210 -31.53 2.28 -31.88
CA LEU B 210 -31.04 2.47 -30.51
C LEU B 210 -30.78 3.94 -30.22
N LEU B 211 -30.22 4.66 -31.19
CA LEU B 211 -29.86 6.06 -30.99
C LEU B 211 -31.08 6.97 -30.87
N ASP B 212 -32.25 6.52 -31.34
CA ASP B 212 -33.46 7.33 -31.22
C ASP B 212 -34.02 7.37 -29.79
N ALA B 213 -33.63 6.41 -28.95
CA ALA B 213 -34.10 6.41 -27.58
C ALA B 213 -33.61 7.64 -26.84
N GLU B 214 -34.40 8.08 -25.85
CA GLU B 214 -34.00 9.22 -25.04
C GLU B 214 -32.74 8.93 -24.24
N GLU B 215 -32.60 7.69 -23.76
CA GLU B 215 -31.50 7.34 -22.88
C GLU B 215 -31.07 5.91 -23.16
N VAL B 216 -29.76 5.68 -23.13
CA VAL B 216 -29.19 4.36 -23.38
C VAL B 216 -28.29 3.99 -22.20
N MET B 217 -28.51 2.79 -21.65
CA MET B 217 -27.70 2.28 -20.55
C MET B 217 -27.09 0.95 -20.98
N ILE B 218 -25.76 0.89 -21.02
CA ILE B 218 -25.03 -0.29 -21.49
C ILE B 218 -24.32 -0.92 -20.31
N LEU B 219 -24.52 -2.23 -20.15
CA LEU B 219 -23.88 -3.00 -19.10
C LEU B 219 -22.62 -3.67 -19.67
N VAL B 220 -21.47 -3.39 -19.06
CA VAL B 220 -20.17 -3.86 -19.56
C VAL B 220 -19.40 -4.47 -18.39
N THR B 221 -19.35 -5.81 -18.34
CA THR B 221 -18.63 -6.50 -17.29
C THR B 221 -17.69 -7.54 -17.89
N GLY B 222 -16.58 -7.80 -17.19
CA GLY B 222 -15.67 -8.85 -17.58
C GLY B 222 -14.42 -8.32 -18.25
N TYR B 223 -13.30 -9.03 -18.04
CA TYR B 223 -12.05 -8.65 -18.68
C TYR B 223 -12.16 -8.67 -20.20
N ASN B 224 -12.94 -9.61 -20.73
CA ASN B 224 -13.07 -9.74 -22.18
C ASN B 224 -13.78 -8.55 -22.83
N LYS B 225 -14.42 -7.70 -22.04
CA LYS B 225 -15.08 -6.50 -22.56
C LYS B 225 -14.24 -5.25 -22.35
N ALA B 226 -12.99 -5.39 -21.91
CA ALA B 226 -12.18 -4.23 -21.58
C ALA B 226 -11.82 -3.43 -22.83
N GLN B 227 -11.49 -4.14 -23.92
CA GLN B 227 -11.20 -3.45 -25.18
C GLN B 227 -12.43 -2.74 -25.72
N ALA B 228 -13.61 -3.35 -25.57
CA ALA B 228 -14.83 -2.71 -26.03
C ALA B 228 -15.13 -1.44 -25.23
N LEU B 229 -14.94 -1.49 -23.90
CA LEU B 229 -15.18 -0.30 -23.08
C LEU B 229 -14.21 0.82 -23.43
N GLN B 230 -12.96 0.47 -23.76
CA GLN B 230 -11.98 1.48 -24.12
C GLN B 230 -12.37 2.20 -25.41
N ALA B 231 -12.86 1.45 -26.40
CA ALA B 231 -13.32 2.09 -27.64
C ALA B 231 -14.53 2.97 -27.38
N ALA B 232 -15.43 2.54 -26.48
CA ALA B 232 -16.64 3.30 -26.22
C ALA B 232 -16.34 4.59 -25.47
N VAL B 233 -15.44 4.55 -24.50
CA VAL B 233 -15.21 5.70 -23.62
C VAL B 233 -14.08 6.59 -24.13
N GLU B 234 -12.98 6.02 -24.60
CA GLU B 234 -11.79 6.78 -24.96
C GLU B 234 -11.56 6.90 -26.46
N GLY B 235 -11.99 5.92 -27.23
CA GLY B 235 -11.70 5.92 -28.65
C GLY B 235 -12.50 6.95 -29.41
N SER B 236 -12.07 7.20 -30.64
CA SER B 236 -12.84 8.04 -31.54
C SER B 236 -13.97 7.22 -32.16
N ILE B 237 -14.99 7.93 -32.65
CA ILE B 237 -16.15 7.25 -33.24
C ILE B 237 -15.67 6.39 -34.39
N ASN B 238 -15.96 5.09 -34.32
CA ASN B 238 -15.43 4.14 -35.27
C ASN B 238 -16.46 3.09 -35.68
N TRP B 241 -16.03 -0.46 -34.23
CA TRP B 241 -16.62 -0.61 -32.90
C TRP B 241 -17.96 0.11 -32.83
N THR B 242 -19.05 -0.65 -33.06
CA THR B 242 -20.38 -0.06 -33.09
C THR B 242 -20.70 0.71 -31.80
N VAL B 243 -20.21 0.21 -30.66
CA VAL B 243 -20.49 0.84 -29.37
C VAL B 243 -20.00 2.28 -29.33
N THR B 244 -19.06 2.66 -30.20
CA THR B 244 -18.59 4.04 -30.24
C THR B 244 -19.68 5.00 -30.69
N ALA B 245 -20.75 4.48 -31.32
CA ALA B 245 -21.87 5.33 -31.68
C ALA B 245 -22.53 5.97 -30.46
N LEU B 246 -22.35 5.38 -29.27
CA LEU B 246 -22.87 5.96 -28.05
C LEU B 246 -22.29 7.34 -27.79
N GLN B 247 -21.08 7.62 -28.32
CA GLN B 247 -20.46 8.92 -28.13
C GLN B 247 -21.25 10.04 -28.79
N MET B 248 -22.07 9.71 -29.80
CA MET B 248 -22.91 10.69 -30.46
C MET B 248 -24.33 10.74 -29.89
N HIS B 249 -24.62 9.98 -28.85
CA HIS B 249 -25.94 9.99 -28.23
C HIS B 249 -26.01 11.10 -27.18
N ARG B 250 -27.23 11.58 -26.94
CA ARG B 250 -27.41 12.72 -26.04
C ARG B 250 -27.23 12.33 -24.57
N ARG B 251 -27.62 11.12 -24.19
CA ARG B 251 -27.54 10.74 -22.78
C ARG B 251 -27.25 9.23 -22.73
N ALA B 252 -25.96 8.90 -22.82
CA ALA B 252 -25.49 7.52 -22.76
C ALA B 252 -24.89 7.23 -21.40
N ILE B 253 -25.23 6.07 -20.84
CA ILE B 253 -24.76 5.65 -19.53
C ILE B 253 -24.13 4.27 -19.68
N ILE B 254 -22.91 4.12 -19.19
CA ILE B 254 -22.20 2.85 -19.21
C ILE B 254 -21.94 2.45 -17.77
N VAL B 255 -22.41 1.26 -17.39
CA VAL B 255 -22.22 0.71 -16.05
C VAL B 255 -21.28 -0.48 -16.17
N CYS B 256 -20.12 -0.39 -15.52
CA CYS B 256 -19.07 -1.40 -15.67
C CYS B 256 -18.57 -1.85 -14.31
N ASP B 257 -17.89 -2.99 -14.30
CA ASP B 257 -17.19 -3.49 -13.14
C ASP B 257 -15.68 -3.27 -13.32
N GLU B 258 -14.92 -3.59 -12.29
CA GLU B 258 -13.48 -3.31 -12.32
C GLU B 258 -12.74 -4.04 -13.43
N PRO B 259 -12.97 -5.34 -13.69
CA PRO B 259 -12.26 -5.98 -14.81
C PRO B 259 -12.49 -5.32 -16.15
N ALA B 260 -13.67 -4.71 -16.38
CA ALA B 260 -13.93 -4.08 -17.67
C ALA B 260 -13.10 -2.81 -17.89
N THR B 261 -12.52 -2.25 -16.84
CA THR B 261 -11.79 -0.99 -16.95
C THR B 261 -10.30 -1.18 -17.16
N GLN B 262 -9.83 -2.42 -17.35
CA GLN B 262 -8.41 -2.70 -17.34
C GLN B 262 -7.67 -2.03 -18.51
N GLU B 263 -8.37 -1.75 -19.61
CA GLU B 263 -7.73 -1.13 -20.77
C GLU B 263 -7.88 0.39 -20.79
N LEU B 264 -8.67 0.95 -19.88
CA LEU B 264 -8.81 2.40 -19.81
C LEU B 264 -7.55 3.04 -19.21
N LYS B 265 -7.34 4.31 -19.56
CA LYS B 265 -6.26 5.07 -18.95
C LYS B 265 -6.58 5.39 -17.50
N VAL B 266 -5.52 5.51 -16.68
CA VAL B 266 -5.68 5.81 -15.26
C VAL B 266 -6.50 7.08 -15.05
N LYS B 267 -6.22 8.12 -15.83
CA LYS B 267 -6.93 9.38 -15.66
C LYS B 267 -8.42 9.24 -16.00
N THR B 268 -8.77 8.31 -16.88
CA THR B 268 -10.18 8.12 -17.23
C THR B 268 -10.94 7.52 -16.06
N VAL B 269 -10.43 6.44 -15.48
CA VAL B 269 -11.08 5.86 -14.30
C VAL B 269 -11.04 6.84 -13.14
N LYS B 270 -9.93 7.56 -12.99
CA LYS B 270 -9.82 8.54 -11.92
C LYS B 270 -10.90 9.61 -12.04
N TYR B 271 -11.16 10.10 -13.27
CA TYR B 271 -12.16 11.14 -13.47
C TYR B 271 -13.56 10.66 -13.12
N PHE B 272 -13.95 9.48 -13.63
CA PHE B 272 -15.32 9.00 -13.42
C PHE B 272 -15.55 8.46 -12.01
N THR B 273 -14.48 8.02 -11.32
CA THR B 273 -14.65 7.57 -9.94
C THR B 273 -15.02 8.74 -9.03
N GLU B 274 -14.43 9.92 -9.29
CA GLU B 274 -14.79 11.10 -8.51
C GLU B 274 -16.11 11.71 -8.97
N LEU B 275 -16.37 11.72 -10.28
CA LEU B 275 -17.59 12.32 -10.79
C LEU B 275 -18.82 11.55 -10.33
N GLU B 276 -18.77 10.22 -10.44
CA GLU B 276 -19.87 9.33 -10.09
C GLU B 276 -19.76 8.79 -8.67
N ALA B 277 -18.96 9.43 -7.81
CA ALA B 277 -18.71 8.90 -6.47
C ALA B 277 -19.98 8.65 -5.68
N SER B 278 -21.06 9.40 -5.94
CA SER B 278 -22.30 9.14 -5.22
C SER B 278 -22.96 7.86 -5.72
N ALA B 279 -22.86 7.57 -7.01
CA ALA B 279 -23.42 6.33 -7.54
C ALA B 279 -22.58 5.12 -7.15
N ILE B 280 -21.26 5.31 -7.01
CA ILE B 280 -20.41 4.23 -6.54
C ILE B 280 -20.74 3.87 -5.11
N ARG B 281 -20.98 4.87 -4.27
CA ARG B 281 -21.27 4.64 -2.86
C ARG B 281 -22.63 3.99 -2.64
N SER B 282 -23.55 4.09 -3.61
CA SER B 282 -24.91 3.62 -3.39
C SER B 282 -25.02 2.09 -3.42
N VAL B 283 -24.01 1.40 -3.94
CA VAL B 283 -24.04 -0.06 -4.03
C VAL B 283 -22.79 -0.67 -3.42
N LYS B 284 -22.01 0.15 -2.73
CA LYS B 284 -20.76 -0.32 -2.13
C LYS B 284 -21.01 -1.04 -0.81
N MET C 18 18.88 -6.32 31.78
CA MET C 18 19.36 -6.00 30.44
C MET C 18 18.93 -4.61 30.02
N ARG C 19 19.84 -3.89 29.35
CA ARG C 19 19.55 -2.57 28.81
C ARG C 19 19.39 -2.62 27.30
N LEU C 20 18.38 -1.93 26.79
CA LEU C 20 18.20 -1.73 25.36
C LEU C 20 18.28 -0.23 25.08
N ILE C 21 19.20 0.16 24.20
CA ILE C 21 19.35 1.55 23.82
C ILE C 21 18.80 1.76 22.41
N PRO C 22 17.53 2.16 22.27
CA PRO C 22 16.95 2.33 20.93
C PRO C 22 17.28 3.70 20.36
N LEU C 23 18.20 3.73 19.40
CA LEU C 23 18.61 4.94 18.73
C LEU C 23 18.05 4.95 17.31
N HIS C 24 18.27 6.05 16.60
CA HIS C 24 17.59 6.22 15.32
C HIS C 24 18.35 5.54 14.18
N ASN C 25 19.66 5.76 14.08
CA ASN C 25 20.41 5.33 12.90
C ASN C 25 21.73 4.71 13.33
N VAL C 26 22.48 4.23 12.34
CA VAL C 26 23.75 3.55 12.60
C VAL C 26 24.79 4.53 13.13
N ASP C 27 24.75 5.79 12.69
CA ASP C 27 25.69 6.78 13.20
C ASP C 27 25.54 6.98 14.70
N GLN C 28 24.30 7.03 15.19
CA GLN C 28 24.07 7.20 16.62
C GLN C 28 24.51 5.95 17.39
N VAL C 29 24.27 4.77 16.83
CA VAL C 29 24.75 3.54 17.46
C VAL C 29 26.27 3.57 17.56
N ALA C 30 26.93 4.03 16.50
CA ALA C 30 28.38 4.15 16.52
C ALA C 30 28.84 5.18 17.55
N LYS C 31 28.21 6.36 17.54
CA LYS C 31 28.63 7.42 18.45
C LYS C 31 28.40 7.03 19.91
N TRP C 32 27.23 6.45 20.21
CA TRP C 32 26.93 6.05 21.59
C TRP C 32 27.86 4.93 22.05
N SER C 33 28.06 3.92 21.22
CA SER C 33 28.89 2.78 21.63
C SER C 33 30.34 3.20 21.81
N ALA C 34 30.84 4.09 20.95
CA ALA C 34 32.19 4.60 21.11
C ALA C 34 32.30 5.48 22.36
N ARG C 35 31.28 6.31 22.61
CA ARG C 35 31.31 7.15 23.81
C ARG C 35 31.22 6.30 25.06
N TYR C 36 30.45 5.20 25.02
CA TYR C 36 30.38 4.31 26.17
C TYR C 36 31.73 3.65 26.43
N ILE C 37 32.41 3.21 25.38
CA ILE C 37 33.74 2.62 25.54
C ILE C 37 34.71 3.64 26.10
N VAL C 38 34.71 4.86 25.56
CA VAL C 38 35.63 5.89 26.01
C VAL C 38 35.36 6.27 27.45
N ASP C 39 34.09 6.46 27.80
CA ASP C 39 33.75 6.84 29.17
C ASP C 39 34.19 5.79 30.18
N ARG C 40 34.00 4.52 29.85
CA ARG C 40 34.43 3.47 30.78
C ARG C 40 35.95 3.40 30.84
N ILE C 41 36.63 3.67 29.72
CA ILE C 41 38.11 3.58 29.69
C ILE C 41 38.67 4.76 30.49
N ASN C 42 38.00 5.91 30.47
CA ASN C 42 38.44 7.08 31.28
C ASN C 42 38.15 6.76 32.75
N GLN C 43 37.14 5.93 33.03
CA GLN C 43 36.90 5.47 34.41
C GLN C 43 37.81 4.25 34.52
N PHE C 44 37.94 3.58 35.66
CA PHE C 44 38.91 2.46 35.78
C PHE C 44 40.35 3.01 35.70
N GLN C 45 40.69 3.80 34.67
CA GLN C 45 42.03 4.41 34.47
C GLN C 45 43.05 3.30 34.24
N PRO C 46 43.25 2.86 32.98
CA PRO C 46 44.13 1.74 32.71
C PRO C 46 45.63 2.06 32.79
N THR C 47 46.41 1.11 33.31
CA THR C 47 47.87 1.29 33.42
C THR C 47 48.55 0.06 32.82
N GLU C 48 49.88 0.04 32.79
CA GLU C 48 50.62 -1.13 32.32
C GLU C 48 50.33 -2.35 33.18
N ALA C 49 50.29 -2.16 34.51
CA ALA C 49 50.01 -3.30 35.38
C ALA C 49 48.55 -3.71 35.34
N ARG C 50 47.65 -2.71 35.32
CA ARG C 50 46.18 -2.92 35.34
C ARG C 50 45.56 -2.47 33.99
N PRO C 51 45.61 -3.23 32.86
CA PRO C 51 45.04 -2.77 31.59
C PRO C 51 43.55 -3.00 31.48
N PHE C 52 42.95 -2.26 30.57
CA PHE C 52 41.55 -2.46 30.21
C PHE C 52 41.50 -3.45 29.04
N VAL C 53 40.79 -4.56 29.23
CA VAL C 53 40.69 -5.63 28.26
C VAL C 53 39.35 -5.49 27.56
N LEU C 54 39.39 -5.38 26.25
CA LEU C 54 38.24 -5.04 25.43
C LEU C 54 38.12 -6.07 24.31
N GLY C 55 36.96 -6.71 24.20
CA GLY C 55 36.69 -7.60 23.10
C GLY C 55 36.09 -6.83 21.93
N LEU C 56 36.60 -7.15 20.75
CA LEU C 56 36.26 -6.34 19.58
C LEU C 56 35.69 -7.17 18.41
N PRO C 57 34.58 -6.77 17.74
CA PRO C 57 34.10 -7.47 16.53
C PRO C 57 34.50 -6.76 15.26
N THR C 58 34.06 -7.29 14.11
CA THR C 58 34.22 -6.63 12.83
C THR C 58 32.85 -6.46 12.19
N GLY C 59 32.82 -5.75 11.06
CA GLY C 59 31.61 -5.53 10.30
C GLY C 59 31.34 -4.06 10.07
N GLY C 60 30.23 -3.80 9.36
CA GLY C 60 29.92 -2.44 8.96
C GLY C 60 29.60 -1.52 10.11
N THR C 61 28.80 -1.98 11.07
CA THR C 61 28.44 -1.12 12.19
C THR C 61 29.60 -0.95 13.16
N PRO C 62 30.34 -2.02 13.52
CA PRO C 62 31.56 -1.78 14.32
C PRO C 62 32.56 -0.88 13.62
N LEU C 63 32.63 -0.92 12.29
CA LEU C 63 33.52 -0.02 11.57
C LEU C 63 33.19 1.43 11.88
N LYS C 64 31.89 1.76 11.92
CA LYS C 64 31.48 3.11 12.27
C LYS C 64 31.81 3.45 13.72
N THR C 65 31.79 2.44 14.60
CA THR C 65 32.20 2.67 15.98
C THR C 65 33.69 2.98 16.07
N TYR C 66 34.49 2.28 15.27
CA TYR C 66 35.96 2.50 15.28
C TYR C 66 36.25 3.91 14.77
N GLU C 67 35.54 4.35 13.74
CA GLU C 67 35.69 5.71 13.24
C GLU C 67 35.39 6.74 14.33
N ALA C 68 34.33 6.49 15.12
CA ALA C 68 33.99 7.40 16.20
C ALA C 68 35.02 7.34 17.32
N LEU C 69 35.60 6.17 17.57
CA LEU C 69 36.65 6.02 18.61
C LEU C 69 37.90 6.75 18.12
N ILE C 70 38.07 6.81 16.81
CA ILE C 70 39.27 7.47 16.23
C ILE C 70 39.11 8.98 16.44
N GLU C 71 37.91 9.51 16.20
CA GLU C 71 37.65 10.94 16.43
C GLU C 71 37.79 11.30 17.90
N LEU C 72 37.30 10.45 18.80
CA LEU C 72 37.43 10.73 20.22
C LEU C 72 38.89 10.68 20.67
N TYR C 73 39.69 9.82 20.03
CA TYR C 73 41.12 9.79 20.31
C TYR C 73 41.80 11.08 19.85
N LYS C 74 41.48 11.53 18.64
CA LYS C 74 42.08 12.76 18.12
C LYS C 74 41.70 13.98 18.95
N ALA C 75 40.54 13.95 19.61
CA ALA C 75 40.10 15.04 20.46
C ALA C 75 40.71 15.00 21.85
N GLY C 76 41.58 14.04 22.14
CA GLY C 76 42.17 13.91 23.46
C GLY C 76 41.26 13.33 24.51
N GLU C 77 40.11 12.76 24.12
CA GLU C 77 39.16 12.23 25.09
C GLU C 77 39.54 10.84 25.58
N VAL C 78 40.43 10.15 24.88
CA VAL C 78 40.75 8.77 25.22
C VAL C 78 42.12 8.43 24.66
N SER C 79 42.85 7.56 25.35
CA SER C 79 44.10 7.00 24.88
C SER C 79 44.00 5.47 24.96
N PHE C 80 44.56 4.80 23.97
CA PHE C 80 44.48 3.32 23.92
C PHE C 80 45.84 2.71 24.25
N LYS C 81 46.73 3.47 24.92
CA LYS C 81 48.05 2.92 25.24
C LYS C 81 47.95 1.69 26.12
N HIS C 82 47.07 1.71 27.11
CA HIS C 82 46.93 0.62 28.06
C HIS C 82 45.58 -0.07 27.93
N VAL C 83 45.13 -0.22 26.69
CA VAL C 83 43.94 -0.99 26.36
C VAL C 83 44.40 -2.26 25.68
N VAL C 84 43.99 -3.41 26.22
CA VAL C 84 44.30 -4.71 25.63
C VAL C 84 43.06 -5.19 24.89
N THR C 85 43.25 -5.65 23.66
CA THR C 85 42.14 -6.03 22.80
C THR C 85 42.22 -7.50 22.43
N PHE C 86 41.05 -8.13 22.32
CA PHE C 86 40.90 -9.49 21.83
C PHE C 86 39.79 -9.47 20.79
N ASN C 87 40.11 -9.88 19.57
CA ASN C 87 39.09 -9.94 18.53
C ASN C 87 38.36 -11.27 18.57
N MET C 88 37.12 -11.25 18.08
CA MET C 88 36.26 -12.43 18.20
C MET C 88 36.74 -13.58 17.33
N ASP C 89 37.19 -13.28 16.12
CA ASP C 89 37.39 -14.34 15.14
C ASP C 89 38.35 -13.88 14.05
N GLU C 90 38.64 -14.79 13.13
CA GLU C 90 39.54 -14.59 12.00
C GLU C 90 39.37 -15.76 11.05
N TYR C 91 39.49 -15.48 9.75
CA TYR C 91 39.34 -16.53 8.74
C TYR C 91 40.51 -17.50 8.77
N VAL C 92 40.21 -18.76 8.47
CA VAL C 92 41.24 -19.80 8.34
C VAL C 92 41.64 -19.91 6.88
N GLY C 93 42.94 -20.07 6.65
CA GLY C 93 43.48 -20.23 5.31
C GLY C 93 43.71 -18.94 4.56
N LEU C 94 43.20 -17.82 5.04
CA LEU C 94 43.41 -16.52 4.42
C LEU C 94 44.64 -15.85 5.04
N PRO C 95 45.60 -15.39 4.23
CA PRO C 95 46.76 -14.68 4.79
C PRO C 95 46.33 -13.43 5.53
N LYS C 96 47.01 -13.14 6.64
CA LYS C 96 46.64 -11.98 7.45
C LYS C 96 46.82 -10.67 6.70
N GLU C 97 47.69 -10.62 5.68
CA GLU C 97 47.88 -9.41 4.91
C GLU C 97 46.82 -9.20 3.85
N HIS C 98 45.99 -10.21 3.59
CA HIS C 98 44.93 -10.08 2.61
C HIS C 98 43.95 -8.98 3.05
N PRO C 99 43.48 -8.14 2.12
CA PRO C 99 42.63 -7.01 2.53
C PRO C 99 41.34 -7.41 3.22
N GLU C 100 40.83 -8.62 3.01
CA GLU C 100 39.58 -9.05 3.60
C GLU C 100 39.75 -9.88 4.86
N SER C 101 40.99 -10.10 5.30
CA SER C 101 41.19 -10.73 6.60
C SER C 101 40.75 -9.78 7.70
N TYR C 102 40.44 -10.35 8.87
CA TYR C 102 40.04 -9.52 10.00
C TYR C 102 41.24 -8.86 10.66
N HIS C 103 42.45 -9.37 10.44
CA HIS C 103 43.64 -8.66 10.86
C HIS C 103 43.76 -7.33 10.11
N SER C 104 43.59 -7.36 8.79
CA SER C 104 43.67 -6.15 7.99
C SER C 104 42.53 -5.18 8.33
N PHE C 105 41.31 -5.69 8.54
CA PHE C 105 40.17 -4.83 8.91
C PHE C 105 40.52 -4.03 10.16
N MET C 106 40.97 -4.73 11.19
CA MET C 106 41.21 -4.05 12.49
C MET C 106 42.31 -3.00 12.37
N TYR C 107 43.34 -3.25 11.57
CA TYR C 107 44.47 -2.28 11.51
C TYR C 107 44.07 -1.09 10.63
N LYS C 108 43.63 -1.34 9.41
CA LYS C 108 43.30 -0.25 8.46
C LYS C 108 42.09 0.56 8.93
N ASN C 109 41.29 0.05 9.86
CA ASN C 109 40.05 0.76 10.25
C ASN C 109 40.16 1.27 11.69
N PHE C 110 41.17 0.81 12.44
CA PHE C 110 41.27 1.23 13.84
C PHE C 110 42.72 1.31 14.33
N PHE C 111 43.42 0.19 14.40
CA PHE C 111 44.78 0.15 15.01
C PHE C 111 45.78 1.13 14.36
N ASP C 112 45.69 1.33 13.05
CA ASP C 112 46.65 2.20 12.33
C ASP C 112 46.32 3.68 12.51
N HIS C 113 45.37 4.03 13.37
CA HIS C 113 44.97 5.45 13.54
C HIS C 113 44.84 5.83 15.01
N VAL C 114 45.17 4.91 15.93
CA VAL C 114 45.13 5.24 17.38
C VAL C 114 46.44 4.86 18.06
N ASP C 115 46.61 5.25 19.33
CA ASP C 115 47.86 5.01 20.06
C ASP C 115 47.84 3.69 20.81
N ILE C 116 47.35 2.63 20.18
CA ILE C 116 47.40 1.30 20.80
C ILE C 116 48.82 0.76 20.71
N GLN C 117 49.18 -0.11 21.65
CA GLN C 117 50.48 -0.73 21.64
C GLN C 117 50.38 -2.06 20.92
N GLU C 118 51.35 -2.31 20.02
CA GLU C 118 51.32 -3.51 19.19
C GLU C 118 51.22 -4.77 20.03
N LYS C 119 51.93 -4.81 21.16
CA LYS C 119 51.95 -6.00 22.01
C LYS C 119 50.61 -6.28 22.67
N ASN C 120 49.72 -5.30 22.74
CA ASN C 120 48.42 -5.48 23.36
C ASN C 120 47.33 -5.89 22.37
N ILE C 121 47.67 -6.08 21.11
CA ILE C 121 46.70 -6.51 20.10
C ILE C 121 46.71 -8.03 20.03
N ASN C 122 45.52 -8.63 20.11
CA ASN C 122 45.37 -10.08 20.04
C ASN C 122 44.31 -10.44 19.01
N ILE C 123 44.73 -11.15 17.96
CA ILE C 123 43.82 -11.67 16.94
C ILE C 123 44.21 -13.12 16.65
N LEU C 124 43.20 -13.98 16.49
CA LEU C 124 43.46 -15.37 16.12
C LEU C 124 44.26 -15.43 14.84
N ASN C 125 45.23 -16.35 14.80
CA ASN C 125 46.03 -16.59 13.60
C ASN C 125 45.38 -17.76 12.87
N GLY C 126 44.85 -17.49 11.68
CA GLY C 126 44.18 -18.50 10.90
C GLY C 126 45.11 -19.22 9.95
N ASN C 127 46.42 -19.10 10.19
CA ASN C 127 47.41 -19.68 9.29
C ASN C 127 48.48 -20.49 10.02
N THR C 128 48.17 -21.01 11.21
CA THR C 128 49.11 -21.90 11.86
C THR C 128 48.96 -23.31 11.29
N GLU C 129 49.91 -24.17 11.61
CA GLU C 129 49.84 -25.56 11.16
C GLU C 129 48.90 -26.42 11.99
N ASP C 130 48.49 -25.94 13.17
CA ASP C 130 47.58 -26.69 14.02
C ASP C 130 46.73 -25.67 14.76
N HIS C 131 45.45 -25.59 14.37
CA HIS C 131 44.55 -24.57 14.87
C HIS C 131 44.13 -24.79 16.32
N ASP C 132 44.03 -26.06 16.76
CA ASP C 132 43.64 -26.32 18.15
C ASP C 132 44.61 -25.66 19.13
N ALA C 133 45.92 -25.78 18.87
CA ALA C 133 46.90 -25.14 19.73
C ALA C 133 46.75 -23.62 19.70
N GLU C 134 46.49 -23.06 18.51
CA GLU C 134 46.30 -21.62 18.39
C GLU C 134 45.11 -21.14 19.21
N CYS C 135 44.02 -21.90 19.21
CA CYS C 135 42.84 -21.52 19.99
C CYS C 135 43.12 -21.61 21.50
N GLN C 136 43.80 -22.67 21.93
CA GLN C 136 44.18 -22.78 23.34
C GLN C 136 45.10 -21.64 23.75
N ARG C 137 46.08 -21.31 22.90
CA ARG C 137 46.93 -20.16 23.18
C ARG C 137 46.11 -18.90 23.35
N TYR C 138 45.08 -18.71 22.52
CA TYR C 138 44.22 -17.55 22.65
C TYR C 138 43.49 -17.55 23.99
N GLU C 139 42.95 -18.70 24.38
CA GLU C 139 42.27 -18.82 25.67
C GLU C 139 43.23 -18.55 26.83
N GLU C 140 44.45 -19.08 26.74
CA GLU C 140 45.44 -18.80 27.78
C GLU C 140 45.76 -17.31 27.84
N LYS C 141 45.86 -16.66 26.68
CA LYS C 141 46.14 -15.23 26.64
C LYS C 141 45.05 -14.42 27.32
N ILE C 142 43.79 -14.82 27.12
CA ILE C 142 42.69 -14.17 27.83
C ILE C 142 42.84 -14.36 29.33
N LYS C 143 43.13 -15.59 29.75
CA LYS C 143 43.28 -15.90 31.17
C LYS C 143 44.48 -15.17 31.77
N SER C 144 45.52 -14.92 30.98
CA SER C 144 46.71 -14.26 31.50
C SER C 144 46.45 -12.81 31.86
N TYR C 145 45.48 -12.15 31.21
CA TYR C 145 45.12 -10.79 31.56
C TYR C 145 44.07 -10.70 32.65
N GLY C 146 43.47 -11.83 33.04
CA GLY C 146 42.48 -11.83 34.09
C GLY C 146 41.04 -11.97 33.63
N LYS C 147 40.40 -10.86 33.28
CA LYS C 147 39.03 -10.88 32.82
C LYS C 147 38.84 -9.84 31.73
N ILE C 148 37.86 -10.08 30.86
CA ILE C 148 37.44 -9.08 29.87
C ILE C 148 36.51 -8.07 30.54
N HIS C 149 36.87 -6.79 30.41
CA HIS C 149 36.15 -5.69 31.06
C HIS C 149 34.90 -5.30 30.27
N LEU C 150 34.96 -5.34 28.95
CA LEU C 150 33.83 -4.98 28.09
C LEU C 150 34.01 -5.71 26.77
N PHE C 151 33.03 -6.52 26.39
CA PHE C 151 33.08 -7.24 25.12
C PHE C 151 32.00 -6.69 24.20
N MET C 152 32.43 -5.99 23.15
CA MET C 152 31.53 -5.50 22.12
C MET C 152 31.37 -6.57 21.04
N GLY C 153 30.16 -6.69 20.51
CA GLY C 153 29.90 -7.68 19.49
C GLY C 153 28.72 -7.31 18.62
N GLY C 154 28.56 -8.08 17.55
CA GLY C 154 27.39 -8.03 16.72
C GLY C 154 26.53 -9.27 16.86
N VAL C 155 25.56 -9.40 15.96
CA VAL C 155 24.66 -10.54 15.96
C VAL C 155 24.30 -10.89 14.53
N GLY C 156 24.14 -12.18 14.27
CA GLY C 156 23.69 -12.64 12.98
C GLY C 156 22.19 -12.53 12.83
N VAL C 157 21.73 -12.71 11.59
CA VAL C 157 20.28 -12.66 11.31
C VAL C 157 19.54 -13.73 12.10
N ASP C 158 20.22 -14.84 12.41
CA ASP C 158 19.62 -15.93 13.18
C ASP C 158 19.98 -15.87 14.66
N GLY C 159 20.61 -14.78 15.10
CA GLY C 159 20.95 -14.62 16.50
C GLY C 159 22.30 -15.16 16.93
N HIS C 160 23.10 -15.69 16.00
CA HIS C 160 24.37 -16.30 16.39
C HIS C 160 25.39 -15.22 16.72
N ILE C 161 26.40 -15.61 17.50
CA ILE C 161 27.46 -14.73 17.96
C ILE C 161 28.76 -15.17 17.32
N ALA C 162 29.49 -14.21 16.74
CA ALA C 162 30.78 -14.45 16.09
C ALA C 162 30.57 -15.55 15.04
N PHE C 163 31.31 -16.65 15.08
CA PHE C 163 31.09 -17.78 14.18
C PHE C 163 30.56 -19.01 14.92
N ASN C 164 30.03 -18.82 16.12
CA ASN C 164 29.39 -19.91 16.84
C ASN C 164 28.11 -20.32 16.14
N GLU C 165 27.85 -21.62 16.07
CA GLU C 165 26.61 -22.08 15.45
C GLU C 165 25.41 -21.52 16.21
N PRO C 166 24.27 -21.34 15.52
CA PRO C 166 23.08 -20.75 16.19
C PRO C 166 22.66 -21.49 17.46
N ALA C 167 23.06 -22.76 17.58
CA ALA C 167 22.72 -23.53 18.76
C ALA C 167 23.98 -23.94 19.50
N SER C 168 24.89 -23.00 19.70
CA SER C 168 26.12 -23.26 20.43
C SER C 168 25.84 -23.33 21.93
N SER C 169 26.59 -24.18 22.62
CA SER C 169 26.49 -24.24 24.07
C SER C 169 26.92 -22.90 24.68
N LEU C 170 26.23 -22.52 25.76
CA LEU C 170 26.57 -21.28 26.45
C LEU C 170 27.90 -21.36 27.18
N SER C 171 28.46 -22.55 27.33
CA SER C 171 29.76 -22.75 27.97
C SER C 171 30.89 -22.92 26.96
N SER C 172 30.62 -22.75 25.67
CA SER C 172 31.61 -22.99 24.64
C SER C 172 32.75 -21.98 24.72
N ARG C 173 33.94 -22.44 24.35
CA ARG C 173 35.16 -21.65 24.36
C ARG C 173 35.67 -21.50 22.93
N THR C 174 36.84 -20.88 22.79
CA THR C 174 37.42 -20.64 21.47
C THR C 174 37.77 -21.96 20.78
N ARG C 175 37.40 -22.05 19.50
CA ARG C 175 37.57 -23.28 18.72
C ARG C 175 37.44 -22.93 17.24
N ILE C 176 37.82 -23.89 16.39
CA ILE C 176 37.62 -23.75 14.96
C ILE C 176 36.19 -24.15 14.60
N LYS C 177 35.59 -23.42 13.66
CA LYS C 177 34.21 -23.68 13.29
C LYS C 177 34.11 -23.66 11.77
N THR C 178 33.25 -24.52 11.22
CA THR C 178 32.91 -24.47 9.80
C THR C 178 31.82 -23.43 9.57
N LEU C 179 32.02 -22.59 8.56
CA LEU C 179 31.01 -21.60 8.20
C LEU C 179 29.84 -22.23 7.46
N THR C 180 28.63 -21.85 7.85
CA THR C 180 27.42 -22.32 7.17
C THR C 180 27.32 -21.74 5.76
N THR C 183 27.35 -16.99 7.54
CA THR C 183 27.23 -17.89 6.40
C THR C 183 28.08 -17.39 5.23
N LEU C 184 28.31 -18.28 4.25
CA LEU C 184 29.12 -17.92 3.10
C LEU C 184 28.42 -16.92 2.19
N ILE C 185 27.11 -17.01 2.06
CA ILE C 185 26.39 -16.14 1.11
C ILE C 185 26.34 -14.70 1.62
N ALA C 186 26.22 -14.51 2.94
CA ALA C 186 26.26 -13.16 3.49
C ALA C 186 27.62 -12.50 3.29
N ASN C 187 28.70 -13.26 3.44
CA ASN C 187 30.06 -12.73 3.33
C ASN C 187 30.59 -12.75 1.91
N SER C 188 29.81 -13.21 0.93
CA SER C 188 30.31 -13.25 -0.45
C SER C 188 30.47 -11.85 -1.02
N ARG C 189 29.70 -10.88 -0.52
CA ARG C 189 29.83 -9.50 -1.01
C ARG C 189 31.22 -8.94 -0.73
N PHE C 190 31.90 -9.43 0.31
CA PHE C 190 33.27 -9.00 0.58
C PHE C 190 34.30 -9.66 -0.32
N PHE C 191 33.92 -10.68 -1.09
CA PHE C 191 34.84 -11.42 -1.93
C PHE C 191 34.37 -11.45 -3.37
N ASP C 192 34.13 -10.25 -3.92
CA ASP C 192 33.80 -10.06 -5.34
C ASP C 192 32.51 -10.79 -5.73
N ASN C 193 31.58 -10.87 -4.78
CA ASN C 193 30.27 -11.50 -4.97
C ASN C 193 30.41 -12.94 -5.46
N PRO C 199 36.65 -17.63 2.45
CA PRO C 199 37.28 -18.66 3.30
C PRO C 199 36.24 -19.55 3.97
N LYS C 200 36.49 -20.85 3.96
CA LYS C 200 35.49 -21.79 4.45
C LYS C 200 35.54 -22.02 5.96
N TYR C 201 36.63 -21.64 6.62
CA TYR C 201 36.77 -21.93 8.03
C TYR C 201 37.22 -20.67 8.78
N ALA C 202 36.97 -20.67 10.08
CA ALA C 202 37.40 -19.56 10.93
C ALA C 202 37.63 -20.07 12.35
N LEU C 203 38.53 -19.39 13.06
CA LEU C 203 38.71 -19.58 14.49
C LEU C 203 37.88 -18.52 15.19
N THR C 204 37.10 -18.93 16.19
CA THR C 204 36.19 -18.00 16.87
C THR C 204 36.13 -18.31 18.35
N ILE C 205 36.05 -17.24 19.16
CA ILE C 205 35.79 -17.42 20.58
C ILE C 205 34.41 -18.05 20.78
N GLY C 206 34.22 -18.67 21.94
CA GLY C 206 32.95 -19.28 22.27
C GLY C 206 32.00 -18.31 22.94
N VAL C 207 30.76 -18.78 23.12
CA VAL C 207 29.75 -17.97 23.80
C VAL C 207 30.11 -17.79 25.27
N GLY C 208 30.65 -18.84 25.90
CA GLY C 208 31.11 -18.70 27.27
C GLY C 208 32.21 -17.68 27.42
N THR C 209 33.11 -17.62 26.44
CA THR C 209 34.16 -16.59 26.47
C THR C 209 33.55 -15.20 26.45
N LEU C 210 32.57 -14.98 25.58
CA LEU C 210 31.89 -13.69 25.52
C LEU C 210 31.08 -13.43 26.80
N LEU C 211 30.34 -14.43 27.27
CA LEU C 211 29.47 -14.24 28.41
C LEU C 211 30.23 -14.09 29.72
N ASP C 212 31.49 -14.53 29.75
CA ASP C 212 32.30 -14.37 30.96
C ASP C 212 32.73 -12.93 31.16
N ALA C 213 32.60 -12.09 30.13
CA ALA C 213 32.98 -10.69 30.24
C ALA C 213 32.16 -10.00 31.32
N GLU C 214 32.76 -8.96 31.91
CA GLU C 214 32.08 -8.19 32.95
C GLU C 214 30.82 -7.52 32.41
N GLU C 215 30.88 -7.04 31.16
CA GLU C 215 29.78 -6.36 30.50
C GLU C 215 29.84 -6.72 29.03
N VAL C 216 28.68 -6.91 28.40
CA VAL C 216 28.58 -7.24 26.99
C VAL C 216 27.71 -6.21 26.29
N MET C 217 28.21 -5.66 25.20
CA MET C 217 27.51 -4.67 24.40
C MET C 217 27.36 -5.18 22.98
N ILE C 218 26.12 -5.38 22.53
CA ILE C 218 25.81 -5.93 21.22
C ILE C 218 25.21 -4.84 20.34
N LEU C 219 25.78 -4.67 19.15
CA LEU C 219 25.30 -3.71 18.17
C LEU C 219 24.37 -4.42 17.18
N VAL C 220 23.15 -3.91 17.05
CA VAL C 220 22.12 -4.54 16.22
C VAL C 220 21.53 -3.47 15.30
N THR C 221 21.93 -3.46 14.03
CA THR C 221 21.43 -2.50 13.06
C THR C 221 20.94 -3.22 11.81
N GLY C 222 19.97 -2.62 11.15
CA GLY C 222 19.48 -3.11 9.88
C GLY C 222 18.16 -3.84 10.00
N TYR C 223 17.35 -3.74 8.94
CA TYR C 223 16.06 -4.43 8.91
C TYR C 223 16.22 -5.94 9.02
N ASN C 224 17.28 -6.49 8.41
CA ASN C 224 17.47 -7.94 8.40
C ASN C 224 17.77 -8.51 9.78
N LYS C 225 18.08 -7.67 10.77
CA LYS C 225 18.33 -8.12 12.14
C LYS C 225 17.12 -7.95 13.04
N ALA C 226 15.95 -7.66 12.48
CA ALA C 226 14.79 -7.37 13.31
C ALA C 226 14.31 -8.61 14.06
N GLN C 227 14.31 -9.78 13.42
CA GLN C 227 13.93 -11.01 14.12
C GLN C 227 14.93 -11.34 15.21
N ALA C 228 16.22 -11.08 14.97
CA ALA C 228 17.24 -11.35 15.99
C ALA C 228 17.05 -10.44 17.19
N LEU C 229 16.77 -9.16 16.97
CA LEU C 229 16.57 -8.24 18.09
C LEU C 229 15.32 -8.61 18.89
N GLN C 230 14.27 -9.09 18.21
CA GLN C 230 13.06 -9.47 18.91
C GLN C 230 13.30 -10.66 19.83
N ALA C 231 14.06 -11.65 19.36
CA ALA C 231 14.41 -12.78 20.21
C ALA C 231 15.27 -12.36 21.39
N ALA C 232 16.19 -11.40 21.16
CA ALA C 232 17.08 -10.96 22.22
C ALA C 232 16.33 -10.21 23.32
N VAL C 233 15.38 -9.36 22.94
CA VAL C 233 14.72 -8.49 23.90
C VAL C 233 13.44 -9.11 24.44
N GLU C 234 12.63 -9.73 23.56
CA GLU C 234 11.31 -10.22 23.92
C GLU C 234 11.22 -11.73 24.05
N GLY C 235 12.06 -12.48 23.36
CA GLY C 235 11.94 -13.93 23.36
C GLY C 235 12.34 -14.55 24.69
N SER C 236 11.98 -15.82 24.83
CA SER C 236 12.38 -16.62 25.98
C SER C 236 13.80 -17.17 25.80
N LEU C 240 18.37 -21.74 20.50
CA LEU C 240 18.28 -21.58 19.06
C LEU C 240 18.71 -20.16 18.67
N TRP C 241 18.39 -19.20 19.54
CA TRP C 241 18.81 -17.81 19.38
C TRP C 241 19.81 -17.54 20.50
N THR C 242 21.11 -17.70 20.18
CA THR C 242 22.16 -17.56 21.18
C THR C 242 22.09 -16.21 21.90
N VAL C 243 21.72 -15.16 21.17
CA VAL C 243 21.67 -13.81 21.73
C VAL C 243 20.72 -13.71 22.92
N THR C 244 19.79 -14.66 23.07
CA THR C 244 18.87 -14.63 24.21
C THR C 244 19.56 -14.87 25.54
N ALA C 245 20.78 -15.43 25.53
CA ALA C 245 21.54 -15.59 26.77
C ALA C 245 21.84 -14.25 27.44
N LEU C 246 21.83 -13.16 26.68
CA LEU C 246 22.08 -11.83 27.26
C LEU C 246 21.07 -11.47 28.35
N GLN C 247 19.86 -12.04 28.29
CA GLN C 247 18.87 -11.75 29.32
C GLN C 247 19.31 -12.25 30.69
N MET C 248 20.19 -13.25 30.74
CA MET C 248 20.70 -13.78 31.99
C MET C 248 22.04 -13.16 32.38
N HIS C 249 22.53 -12.19 31.64
CA HIS C 249 23.82 -11.58 31.93
C HIS C 249 23.65 -10.43 32.94
N ARG C 250 24.69 -10.20 33.73
CA ARG C 250 24.62 -9.21 34.79
C ARG C 250 24.45 -7.80 34.23
N ARG C 251 25.25 -7.44 33.21
CA ARG C 251 25.19 -6.12 32.59
C ARG C 251 25.29 -6.31 31.08
N ALA C 252 24.15 -6.58 30.45
CA ALA C 252 24.05 -6.72 29.01
C ALA C 252 23.44 -5.45 28.43
N ILE C 253 24.05 -4.94 27.36
CA ILE C 253 23.59 -3.73 26.71
C ILE C 253 23.42 -4.02 25.23
N ILE C 254 22.26 -3.67 24.68
CA ILE C 254 21.97 -3.82 23.27
C ILE C 254 21.73 -2.43 22.70
N VAL C 255 22.50 -2.06 21.68
CA VAL C 255 22.39 -0.78 21.02
C VAL C 255 21.86 -1.03 19.62
N CYS C 256 20.69 -0.47 19.31
CA CYS C 256 20.01 -0.75 18.06
C CYS C 256 19.60 0.55 17.38
N ASP C 257 19.34 0.46 16.08
CA ASP C 257 18.77 1.54 15.30
C ASP C 257 17.31 1.28 15.00
N GLU C 258 16.66 2.27 14.39
CA GLU C 258 15.22 2.17 14.14
C GLU C 258 14.85 1.02 13.22
N PRO C 259 15.54 0.76 12.09
CA PRO C 259 15.17 -0.41 11.27
C PRO C 259 15.24 -1.73 12.01
N ALA C 260 16.12 -1.87 13.00
CA ALA C 260 16.23 -3.13 13.72
C ALA C 260 15.03 -3.42 14.62
N THR C 261 14.20 -2.42 14.90
CA THR C 261 13.09 -2.56 15.83
C THR C 261 11.77 -2.93 15.16
N GLN C 262 11.78 -3.25 13.87
CA GLN C 262 10.53 -3.40 13.14
C GLN C 262 9.67 -4.56 13.66
N GLU C 263 10.29 -5.57 14.26
CA GLU C 263 9.55 -6.71 14.79
C GLU C 263 9.24 -6.60 16.27
N LEU C 264 9.77 -5.60 16.96
CA LEU C 264 9.46 -5.40 18.37
C LEU C 264 8.03 -4.88 18.54
N LYS C 265 7.47 -5.14 19.71
CA LYS C 265 6.18 -4.57 20.06
C LYS C 265 6.32 -3.07 20.34
N VAL C 266 5.25 -2.33 20.07
CA VAL C 266 5.26 -0.89 20.31
C VAL C 266 5.61 -0.59 21.76
N LYS C 267 5.01 -1.32 22.71
CA LYS C 267 5.27 -1.05 24.11
C LYS C 267 6.72 -1.33 24.48
N THR C 268 7.38 -2.23 23.78
CA THR C 268 8.79 -2.53 24.08
C THR C 268 9.68 -1.35 23.72
N VAL C 269 9.54 -0.84 22.50
CA VAL C 269 10.33 0.32 22.08
C VAL C 269 9.94 1.53 22.92
N LYS C 270 8.65 1.70 23.20
CA LYS C 270 8.20 2.85 23.98
C LYS C 270 8.80 2.83 25.39
N TYR C 271 8.85 1.65 26.02
CA TYR C 271 9.40 1.55 27.37
C TYR C 271 10.87 1.93 27.42
N PHE C 272 11.67 1.36 26.50
CA PHE C 272 13.11 1.61 26.53
C PHE C 272 13.45 3.01 26.01
N THR C 273 12.61 3.58 25.16
CA THR C 273 12.86 4.94 24.68
C THR C 273 12.71 5.96 25.81
N GLU C 274 11.74 5.75 26.70
CA GLU C 274 11.58 6.65 27.84
C GLU C 274 12.60 6.31 28.93
N LEU C 275 12.89 5.04 29.15
CA LEU C 275 13.84 4.65 30.18
C LEU C 275 15.24 5.18 29.88
N GLU C 276 15.68 5.03 28.64
CA GLU C 276 17.01 5.44 28.20
C GLU C 276 17.05 6.85 27.62
N ALA C 277 16.07 7.70 27.97
CA ALA C 277 16.00 9.04 27.40
C ALA C 277 17.30 9.83 27.62
N SER C 278 18.03 9.56 28.69
CA SER C 278 19.29 10.25 28.90
C SER C 278 20.37 9.76 27.94
N ALA C 279 20.35 8.46 27.62
CA ALA C 279 21.31 7.92 26.67
C ALA C 279 20.97 8.33 25.24
N ILE C 280 19.68 8.38 24.91
CA ILE C 280 19.26 8.80 23.58
C ILE C 280 19.61 10.27 23.34
N ARG C 281 19.56 11.10 24.39
CA ARG C 281 19.86 12.52 24.24
C ARG C 281 21.32 12.77 23.92
N SER C 282 22.22 11.92 24.42
CA SER C 282 23.65 12.21 24.31
C SER C 282 24.12 12.23 22.86
N VAL C 283 23.53 11.41 22.01
CA VAL C 283 23.94 11.31 20.61
C VAL C 283 22.85 11.81 19.67
N LYS C 284 21.95 12.67 20.16
CA LYS C 284 20.95 13.28 19.30
C LYS C 284 21.64 14.18 18.29
N MET D 18 -9.97 -4.64 5.87
CA MET D 18 -10.41 -3.75 6.93
C MET D 18 -9.40 -2.62 7.13
N ARG D 19 -9.90 -1.45 7.51
CA ARG D 19 -9.09 -0.26 7.72
C ARG D 19 -8.81 -0.08 9.20
N LEU D 20 -7.57 0.27 9.52
CA LEU D 20 -7.17 0.65 10.87
C LEU D 20 -6.74 2.11 10.85
N ILE D 21 -7.39 2.92 11.68
CA ILE D 21 -7.10 4.36 11.75
C ILE D 21 -6.32 4.64 13.02
N PRO D 22 -4.98 4.70 12.97
CA PRO D 22 -4.19 4.93 14.19
C PRO D 22 -4.08 6.41 14.52
N LEU D 23 -4.84 6.83 15.53
CA LEU D 23 -4.84 8.22 15.98
C LEU D 23 -4.15 8.31 17.34
N HIS D 24 -4.02 9.54 17.84
CA HIS D 24 -3.20 9.76 19.04
C HIS D 24 -4.00 9.53 20.33
N ASN D 25 -5.17 10.16 20.45
CA ASN D 25 -5.89 10.17 21.72
C ASN D 25 -7.38 9.95 21.47
N VAL D 26 -8.14 9.90 22.57
CA VAL D 26 -9.56 9.63 22.49
C VAL D 26 -10.30 10.77 21.82
N ASP D 27 -9.84 12.02 22.01
CA ASP D 27 -10.48 13.15 21.36
C ASP D 27 -10.41 13.05 19.84
N GLN D 28 -9.26 12.64 19.31
CA GLN D 28 -9.14 12.48 17.86
C GLN D 28 -9.97 11.31 17.36
N VAL D 29 -10.05 10.23 18.13
CA VAL D 29 -10.90 9.10 17.76
C VAL D 29 -12.36 9.52 17.70
N ALA D 30 -12.79 10.35 18.66
CA ALA D 30 -14.16 10.83 18.67
C ALA D 30 -14.45 11.71 17.47
N LYS D 31 -13.55 12.66 17.17
CA LYS D 31 -13.79 13.58 16.06
C LYS D 31 -13.80 12.87 14.72
N TRP D 32 -12.86 11.94 14.50
CA TRP D 32 -12.82 11.22 13.23
C TRP D 32 -14.05 10.36 13.04
N SER D 33 -14.45 9.63 14.08
CA SER D 33 -15.61 8.75 13.97
C SER D 33 -16.89 9.54 13.76
N ALA D 34 -17.01 10.70 14.41
CA ALA D 34 -18.19 11.54 14.22
C ALA D 34 -18.24 12.10 12.80
N ARG D 35 -17.09 12.53 12.27
CA ARG D 35 -17.07 13.05 10.91
C ARG D 35 -17.38 11.96 9.90
N TYR D 36 -16.91 10.73 10.15
CA TYR D 36 -17.22 9.63 9.25
C TYR D 36 -18.71 9.32 9.25
N ILE D 37 -19.35 9.33 10.43
CA ILE D 37 -20.78 9.08 10.52
C ILE D 37 -21.55 10.18 9.78
N VAL D 38 -21.15 11.44 9.99
CA VAL D 38 -21.84 12.56 9.35
C VAL D 38 -21.68 12.49 7.84
N ASP D 39 -20.46 12.22 7.37
CA ASP D 39 -20.22 12.12 5.94
C ASP D 39 -21.04 11.00 5.31
N ARG D 40 -21.21 9.90 6.04
CA ARG D 40 -21.98 8.76 5.49
C ARG D 40 -23.46 9.12 5.41
N ILE D 41 -23.98 9.83 6.42
CA ILE D 41 -25.42 10.24 6.43
C ILE D 41 -25.64 11.23 5.29
N ASN D 42 -24.72 12.18 5.14
CA ASN D 42 -24.91 13.25 4.13
C ASN D 42 -24.75 12.69 2.71
N GLN D 43 -23.96 11.65 2.53
CA GLN D 43 -23.80 11.04 1.20
C GLN D 43 -25.01 10.17 0.89
N PHE D 44 -25.51 9.44 1.88
CA PHE D 44 -26.68 8.55 1.70
C PHE D 44 -27.90 9.41 1.37
N GLN D 45 -27.96 10.62 1.94
CA GLN D 45 -29.10 11.55 1.72
C GLN D 45 -30.39 10.87 2.15
N PRO D 46 -30.63 10.72 3.46
CA PRO D 46 -31.78 9.97 3.91
C PRO D 46 -33.13 10.67 3.80
N THR D 47 -34.19 9.89 3.60
CA THR D 47 -35.54 10.43 3.55
C THR D 47 -36.43 9.60 4.47
N GLU D 48 -37.71 9.97 4.52
CA GLU D 48 -38.69 9.18 5.27
C GLU D 48 -38.83 7.77 4.69
N ALA D 49 -38.88 7.67 3.36
CA ALA D 49 -39.03 6.36 2.73
C ALA D 49 -37.74 5.55 2.81
N ARG D 50 -36.61 6.24 2.73
CA ARG D 50 -35.30 5.54 2.75
C ARG D 50 -34.43 6.14 3.86
N PRO D 51 -34.61 5.70 5.12
CA PRO D 51 -33.84 6.25 6.22
C PRO D 51 -32.43 5.67 6.40
N PHE D 52 -31.53 6.43 7.03
CA PHE D 52 -30.18 5.89 7.34
C PHE D 52 -30.30 5.12 8.65
N VAL D 53 -29.93 3.84 8.62
CA VAL D 53 -30.06 2.98 9.79
C VAL D 53 -28.69 2.89 10.45
N LEU D 54 -28.61 3.26 11.72
CA LEU D 54 -27.35 3.44 12.42
C LEU D 54 -27.39 2.66 13.72
N GLY D 55 -26.42 1.76 13.91
CA GLY D 55 -26.27 1.07 15.18
C GLY D 55 -25.34 1.84 16.10
N LEU D 56 -25.79 1.95 17.35
CA LEU D 56 -25.11 2.83 18.30
C LEU D 56 -24.67 2.10 19.58
N PRO D 57 -23.44 2.32 20.12
CA PRO D 57 -23.03 1.76 21.41
C PRO D 57 -23.12 2.78 22.54
N THR D 58 -22.74 2.38 23.74
CA THR D 58 -22.58 3.27 24.88
C THR D 58 -21.16 3.14 25.42
N GLY D 59 -20.83 3.98 26.38
CA GLY D 59 -19.53 3.94 27.03
C GLY D 59 -18.80 5.26 26.95
N GLY D 60 -17.61 5.27 27.54
CA GLY D 60 -16.84 6.50 27.63
C GLY D 60 -16.38 7.02 26.28
N THR D 61 -15.87 6.13 25.43
CA THR D 61 -15.39 6.56 24.12
C THR D 61 -16.54 6.92 23.20
N PRO D 62 -17.62 6.13 23.12
CA PRO D 62 -18.79 6.61 22.35
C PRO D 62 -19.35 7.91 22.88
N LEU D 63 -19.24 8.16 24.19
CA LEU D 63 -19.71 9.42 24.76
C LEU D 63 -19.03 10.62 24.10
N LYS D 64 -17.71 10.53 23.89
CA LYS D 64 -17.00 11.63 23.25
C LYS D 64 -17.37 11.74 21.78
N THR D 65 -17.71 10.63 21.14
CA THR D 65 -18.21 10.66 19.77
C THR D 65 -19.54 11.39 19.69
N TYR D 66 -20.43 11.14 20.64
CA TYR D 66 -21.76 11.80 20.64
C TYR D 66 -21.59 13.30 20.86
N GLU D 67 -20.67 13.70 21.74
CA GLU D 67 -20.40 15.11 21.91
C GLU D 67 -19.91 15.76 20.62
N ALA D 68 -19.05 15.05 19.89
CA ALA D 68 -18.57 15.59 18.62
C ALA D 68 -19.66 15.62 17.56
N LEU D 69 -20.59 14.67 17.62
CA LEU D 69 -21.72 14.64 16.66
C LEU D 69 -22.64 15.83 16.94
N ILE D 70 -22.82 16.18 18.21
CA ILE D 70 -23.70 17.32 18.60
C ILE D 70 -23.03 18.62 18.14
N GLU D 71 -21.71 18.69 18.26
CA GLU D 71 -21.04 19.90 17.77
C GLU D 71 -21.21 20.05 16.26
N LEU D 72 -21.12 18.94 15.52
CA LEU D 72 -21.36 19.00 14.08
C LEU D 72 -22.82 19.33 13.78
N TYR D 73 -23.74 18.86 14.62
CA TYR D 73 -25.15 19.20 14.44
C TYR D 73 -25.40 20.69 14.67
N LYS D 74 -24.83 21.24 15.75
CA LYS D 74 -25.02 22.66 16.04
C LYS D 74 -24.44 23.54 14.95
N ALA D 75 -23.43 23.05 14.22
CA ALA D 75 -22.85 23.80 13.12
C ALA D 75 -23.65 23.71 11.83
N GLY D 76 -24.79 23.01 11.84
CA GLY D 76 -25.58 22.85 10.63
C GLY D 76 -25.03 21.87 9.62
N GLU D 77 -24.04 21.06 10.01
CA GLU D 77 -23.39 20.15 9.07
C GLU D 77 -24.19 18.89 8.82
N VAL D 78 -25.15 18.55 9.69
CA VAL D 78 -25.86 17.29 9.58
C VAL D 78 -27.18 17.42 10.31
N SER D 79 -28.19 16.68 9.84
CA SER D 79 -29.47 16.55 10.50
C SER D 79 -29.78 15.07 10.72
N PHE D 80 -30.42 14.77 11.84
CA PHE D 80 -30.71 13.37 12.19
C PHE D 80 -32.22 13.11 12.05
N LYS D 81 -32.92 13.97 11.29
CA LYS D 81 -34.37 13.83 11.17
C LYS D 81 -34.76 12.46 10.62
N HIS D 82 -34.03 11.96 9.63
CA HIS D 82 -34.35 10.69 8.99
C HIS D 82 -33.24 9.66 9.24
N VAL D 83 -32.70 9.67 10.45
CA VAL D 83 -31.74 8.67 10.89
C VAL D 83 -32.45 7.77 11.90
N VAL D 84 -32.45 6.47 11.63
CA VAL D 84 -33.01 5.47 12.53
C VAL D 84 -31.87 4.82 13.30
N THR D 85 -32.00 4.71 14.61
CA THR D 85 -30.94 4.20 15.47
C THR D 85 -31.37 2.92 16.17
N PHE D 86 -30.41 2.03 16.35
CA PHE D 86 -30.57 0.81 17.13
C PHE D 86 -29.41 0.73 18.11
N ASN D 87 -29.72 0.67 19.40
CA ASN D 87 -28.67 0.54 20.40
C ASN D 87 -28.34 -0.93 20.63
N MET D 88 -27.11 -1.16 21.09
CA MET D 88 -26.60 -2.53 21.19
C MET D 88 -27.32 -3.33 22.28
N ASP D 89 -27.55 -2.72 23.44
CA ASP D 89 -27.97 -3.50 24.59
C ASP D 89 -28.62 -2.57 25.63
N GLU D 90 -29.08 -3.20 26.71
CA GLU D 90 -29.74 -2.50 27.82
C GLU D 90 -29.84 -3.46 29.00
N TYR D 91 -29.76 -2.90 30.21
CA TYR D 91 -29.82 -3.70 31.43
C TYR D 91 -31.23 -4.25 31.65
N VAL D 92 -31.28 -5.46 32.21
CA VAL D 92 -32.54 -6.08 32.62
C VAL D 92 -32.79 -5.79 34.09
N GLY D 93 -34.04 -5.47 34.42
CA GLY D 93 -34.43 -5.21 35.79
C GLY D 93 -34.14 -3.81 36.29
N LEU D 94 -33.34 -3.05 35.57
CA LEU D 94 -33.08 -1.66 35.95
C LEU D 94 -34.10 -0.76 35.26
N PRO D 95 -34.80 0.11 36.00
CA PRO D 95 -35.76 1.01 35.36
C PRO D 95 -35.06 1.91 34.34
N LYS D 96 -35.75 2.16 33.22
CA LYS D 96 -35.18 2.99 32.18
C LYS D 96 -34.92 4.41 32.65
N GLU D 97 -35.59 4.85 33.71
CA GLU D 97 -35.39 6.18 34.27
C GLU D 97 -34.17 6.25 35.18
N HIS D 98 -33.57 5.11 35.52
CA HIS D 98 -32.37 5.10 36.34
C HIS D 98 -31.24 5.82 35.62
N PRO D 99 -30.42 6.60 36.32
CA PRO D 99 -29.36 7.36 35.65
C PRO D 99 -28.36 6.51 34.91
N GLU D 100 -28.20 5.24 35.29
CA GLU D 100 -27.18 4.38 34.71
C GLU D 100 -27.74 3.45 33.64
N SER D 101 -29.03 3.53 33.33
CA SER D 101 -29.57 2.77 32.21
C SER D 101 -29.03 3.33 30.90
N TYR D 102 -29.04 2.48 29.87
CA TYR D 102 -28.57 2.92 28.56
C TYR D 102 -29.63 3.74 27.82
N HIS D 103 -30.91 3.59 28.20
CA HIS D 103 -31.91 4.57 27.79
C HIS D 103 -31.49 5.98 28.21
N SER D 104 -31.15 6.13 29.49
CA SER D 104 -30.79 7.45 30.00
C SER D 104 -29.49 7.94 29.38
N PHE D 105 -28.50 7.06 29.18
CA PHE D 105 -27.21 7.49 28.62
C PHE D 105 -27.45 8.11 27.24
N MET D 106 -28.27 7.46 26.42
CA MET D 106 -28.44 7.90 25.03
C MET D 106 -29.20 9.22 24.94
N TYR D 107 -30.27 9.36 25.70
CA TYR D 107 -31.04 10.63 25.70
C TYR D 107 -30.20 11.77 26.29
N LYS D 108 -29.57 11.56 27.44
CA LYS D 108 -28.84 12.66 28.11
C LYS D 108 -27.55 13.05 27.37
N ASN D 109 -27.00 12.17 26.56
CA ASN D 109 -25.69 12.49 25.95
C ASN D 109 -25.81 12.66 24.43
N PHE D 110 -27.01 12.45 23.86
CA PHE D 110 -27.14 12.54 22.39
C PHE D 110 -28.55 12.94 21.93
N PHE D 111 -29.56 12.09 22.15
CA PHE D 111 -30.91 12.32 21.57
C PHE D 111 -31.53 13.66 22.01
N ASP D 112 -31.23 14.10 23.22
CA ASP D 112 -31.84 15.34 23.75
C ASP D 112 -31.10 16.57 23.21
N HIS D 113 -30.08 16.37 22.38
CA HIS D 113 -29.28 17.50 21.85
C HIS D 113 -29.30 17.54 20.32
N VAL D 114 -30.04 16.62 19.68
CA VAL D 114 -30.08 16.54 18.19
C VAL D 114 -31.53 16.42 17.70
N ASP D 115 -31.76 16.66 16.41
CA ASP D 115 -33.11 16.64 15.86
C ASP D 115 -33.55 15.26 15.43
N ILE D 116 -33.27 14.24 16.23
CA ILE D 116 -33.75 12.89 15.97
C ILE D 116 -35.24 12.81 16.35
N GLN D 117 -35.97 11.94 15.66
CA GLN D 117 -37.37 11.71 15.94
C GLN D 117 -37.52 10.51 16.87
N GLU D 118 -38.39 10.66 17.87
CA GLU D 118 -38.59 9.61 18.87
C GLU D 118 -38.95 8.27 18.22
N LYS D 119 -39.79 8.31 17.18
CA LYS D 119 -40.23 7.08 16.53
C LYS D 119 -39.09 6.39 15.79
N ASN D 120 -38.00 7.08 15.51
CA ASN D 120 -36.83 6.48 14.87
C ASN D 120 -35.80 5.96 15.87
N ILE D 121 -36.05 6.10 17.16
CA ILE D 121 -35.16 5.60 18.20
C ILE D 121 -35.58 4.21 18.62
N ASN D 122 -34.64 3.28 18.63
CA ASN D 122 -34.88 1.91 19.06
C ASN D 122 -33.86 1.52 20.11
N ILE D 123 -34.33 1.23 21.32
CA ILE D 123 -33.50 0.73 22.40
C ILE D 123 -34.24 -0.45 23.03
N LEU D 124 -33.49 -1.52 23.32
CA LEU D 124 -34.08 -2.68 23.98
C LEU D 124 -34.70 -2.29 25.32
N ASN D 125 -35.89 -2.82 25.58
CA ASN D 125 -36.60 -2.61 26.85
C ASN D 125 -36.29 -3.80 27.75
N GLY D 126 -35.60 -3.54 28.85
CA GLY D 126 -35.21 -4.57 29.78
C GLY D 126 -36.20 -4.84 30.90
N ASN D 127 -37.44 -4.35 30.79
CA ASN D 127 -38.42 -4.50 31.85
C ASN D 127 -39.77 -4.96 31.30
N THR D 128 -39.78 -5.65 30.16
CA THR D 128 -41.03 -6.19 29.66
C THR D 128 -41.38 -7.48 30.40
N GLU D 129 -42.59 -7.99 30.15
CA GLU D 129 -43.05 -9.22 30.76
C GLU D 129 -42.45 -10.46 30.12
N ASP D 130 -41.81 -10.32 28.96
CA ASP D 130 -41.22 -11.46 28.26
C ASP D 130 -39.97 -10.97 27.55
N HIS D 131 -38.80 -11.37 28.07
CA HIS D 131 -37.55 -10.91 27.50
C HIS D 131 -37.29 -11.54 26.14
N ASP D 132 -37.66 -12.81 25.98
CA ASP D 132 -37.50 -13.48 24.69
C ASP D 132 -38.30 -12.79 23.60
N ALA D 133 -39.56 -12.44 23.91
CA ALA D 133 -40.39 -11.75 22.93
C ALA D 133 -39.84 -10.36 22.60
N GLU D 134 -39.37 -9.64 23.62
CA GLU D 134 -38.79 -8.31 23.37
C GLU D 134 -37.58 -8.41 22.47
N CYS D 135 -36.74 -9.42 22.65
CA CYS D 135 -35.57 -9.60 21.78
C CYS D 135 -36.01 -9.95 20.37
N GLN D 136 -37.01 -10.84 20.24
CA GLN D 136 -37.54 -11.17 18.92
C GLN D 136 -38.11 -9.94 18.23
N ARG D 137 -38.88 -9.13 18.96
CA ARG D 137 -39.42 -7.89 18.40
C ARG D 137 -38.31 -6.98 17.91
N TYR D 138 -37.21 -6.88 18.67
CA TYR D 138 -36.09 -6.04 18.26
C TYR D 138 -35.50 -6.53 16.94
N GLU D 139 -35.30 -7.84 16.80
CA GLU D 139 -34.82 -8.39 15.54
C GLU D 139 -35.82 -8.14 14.42
N GLU D 140 -37.11 -8.26 14.71
CA GLU D 140 -38.13 -7.99 13.70
C GLU D 140 -38.08 -6.53 13.26
N LYS D 141 -37.89 -5.61 14.20
CA LYS D 141 -37.83 -4.19 13.85
C LYS D 141 -36.63 -3.89 12.96
N ILE D 142 -35.48 -4.52 13.25
CA ILE D 142 -34.30 -4.36 12.41
C ILE D 142 -34.57 -4.87 11.00
N LYS D 143 -35.16 -6.07 10.90
CA LYS D 143 -35.41 -6.67 9.59
C LYS D 143 -36.39 -5.84 8.77
N SER D 144 -37.30 -5.12 9.42
CA SER D 144 -38.30 -4.34 8.70
C SER D 144 -37.65 -3.18 7.92
N TYR D 145 -36.50 -2.70 8.37
CA TYR D 145 -35.78 -1.66 7.67
C TYR D 145 -34.84 -2.19 6.59
N GLY D 146 -34.60 -3.51 6.56
CA GLY D 146 -33.70 -4.08 5.58
C GLY D 146 -32.36 -4.43 6.18
N LYS D 147 -31.47 -3.44 6.26
CA LYS D 147 -30.16 -3.63 6.86
C LYS D 147 -29.75 -2.36 7.59
N ILE D 148 -28.87 -2.52 8.56
CA ILE D 148 -28.22 -1.39 9.21
C ILE D 148 -27.10 -0.90 8.29
N HIS D 149 -27.11 0.39 7.97
CA HIS D 149 -26.11 0.94 7.03
C HIS D 149 -24.73 1.05 7.71
N LEU D 150 -24.71 1.42 9.00
CA LEU D 150 -23.44 1.61 9.69
C LEU D 150 -23.67 1.31 11.17
N PHE D 151 -22.93 0.33 11.69
CA PHE D 151 -23.03 -0.04 13.10
C PHE D 151 -21.72 0.35 13.79
N MET D 152 -21.80 1.37 14.65
CA MET D 152 -20.66 1.76 15.47
C MET D 152 -20.67 0.92 16.74
N GLY D 153 -19.49 0.54 17.20
CA GLY D 153 -19.39 -0.28 18.40
C GLY D 153 -18.05 -0.15 19.06
N GLY D 154 -17.98 -0.73 20.26
CA GLY D 154 -16.74 -0.91 20.97
C GLY D 154 -16.33 -2.37 21.03
N VAL D 155 -15.32 -2.63 21.86
CA VAL D 155 -14.83 -3.99 22.07
C VAL D 155 -14.41 -4.13 23.52
N GLY D 156 -14.58 -5.33 24.06
CA GLY D 156 -14.15 -5.62 25.40
C GLY D 156 -12.66 -5.94 25.48
N VAL D 157 -12.17 -5.98 26.73
CA VAL D 157 -10.77 -6.33 26.95
C VAL D 157 -10.46 -7.72 26.42
N ASP D 158 -11.47 -8.61 26.40
CA ASP D 158 -11.32 -9.96 25.91
C ASP D 158 -11.79 -10.12 24.47
N GLY D 159 -12.11 -9.03 23.78
CA GLY D 159 -12.53 -9.08 22.40
C GLY D 159 -14.01 -9.26 22.16
N HIS D 160 -14.83 -9.29 23.22
CA HIS D 160 -16.25 -9.55 23.07
C HIS D 160 -16.97 -8.32 22.51
N ILE D 161 -18.15 -8.56 21.95
CA ILE D 161 -18.97 -7.53 21.33
C ILE D 161 -20.25 -7.35 22.13
N ALA D 162 -20.58 -6.09 22.45
CA ALA D 162 -21.78 -5.72 23.21
C ALA D 162 -21.76 -6.50 24.53
N PHE D 163 -22.80 -7.26 24.86
CA PHE D 163 -22.76 -8.12 26.04
C PHE D 163 -22.69 -9.60 25.68
N ASN D 164 -22.30 -9.91 24.45
CA ASN D 164 -22.08 -11.29 24.07
C ASN D 164 -20.88 -11.83 24.84
N GLU D 165 -21.02 -13.06 25.32
CA GLU D 165 -19.92 -13.68 26.04
C GLU D 165 -18.71 -13.84 25.12
N PRO D 166 -17.49 -13.83 25.65
CA PRO D 166 -16.32 -14.07 24.82
C PRO D 166 -16.46 -15.41 24.11
N ALA D 167 -15.96 -15.46 22.87
CA ALA D 167 -16.05 -16.67 22.04
C ALA D 167 -17.49 -17.05 21.77
N SER D 168 -18.31 -16.05 21.45
CA SER D 168 -19.69 -16.26 21.05
C SER D 168 -19.74 -16.72 19.61
N SER D 169 -20.77 -17.50 19.28
CA SER D 169 -20.96 -17.89 17.89
C SER D 169 -21.17 -16.66 17.03
N LEU D 170 -20.60 -16.68 15.82
CA LEU D 170 -20.73 -15.56 14.90
C LEU D 170 -22.15 -15.40 14.37
N SER D 171 -23.02 -16.39 14.55
CA SER D 171 -24.40 -16.34 14.10
C SER D 171 -25.38 -16.01 15.22
N SER D 172 -24.89 -15.69 16.42
CA SER D 172 -25.78 -15.45 17.55
C SER D 172 -26.64 -14.22 17.31
N ARG D 173 -27.86 -14.24 17.83
CA ARG D 173 -28.82 -13.18 17.65
C ARG D 173 -29.15 -12.52 18.98
N THR D 174 -30.08 -11.57 18.95
CA THR D 174 -30.47 -10.84 20.15
C THR D 174 -31.12 -11.77 21.16
N ARG D 175 -30.71 -11.64 22.43
CA ARG D 175 -31.16 -12.54 23.49
C ARG D 175 -30.85 -11.90 24.83
N ILE D 176 -31.41 -12.48 25.88
CA ILE D 176 -31.07 -12.08 27.24
C ILE D 176 -29.81 -12.81 27.65
N LYS D 177 -28.89 -12.10 28.29
CA LYS D 177 -27.60 -12.68 28.64
C LYS D 177 -27.20 -12.29 30.05
N THR D 178 -26.49 -13.19 30.72
CA THR D 178 -25.83 -12.87 31.97
C THR D 178 -24.53 -12.12 31.69
N LEU D 179 -24.30 -11.05 32.44
CA LEU D 179 -23.04 -10.33 32.32
C LEU D 179 -21.91 -11.16 32.91
N THR D 180 -20.79 -11.20 32.20
CA THR D 180 -19.64 -11.91 32.72
C THR D 180 -19.10 -11.21 33.96
N GLU D 181 -18.32 -11.95 34.75
CA GLU D 181 -17.71 -11.38 35.95
C GLU D 181 -16.86 -10.16 35.61
N ASP D 182 -16.11 -10.23 34.49
CA ASP D 182 -15.29 -9.10 34.09
C ASP D 182 -16.14 -7.88 33.75
N THR D 183 -17.26 -8.09 33.06
CA THR D 183 -18.15 -6.99 32.74
C THR D 183 -18.79 -6.40 34.00
N LEU D 184 -19.03 -7.23 35.01
CA LEU D 184 -19.61 -6.73 36.25
C LEU D 184 -18.62 -5.83 36.98
N ILE D 185 -17.34 -6.16 36.91
CA ILE D 185 -16.31 -5.39 37.61
C ILE D 185 -16.05 -4.06 36.89
N ALA D 186 -16.08 -4.07 35.56
CA ALA D 186 -15.89 -2.83 34.81
C ALA D 186 -17.02 -1.84 35.06
N ASN D 187 -18.27 -2.29 34.99
CA ASN D 187 -19.42 -1.42 35.18
C ASN D 187 -19.73 -1.13 36.64
N SER D 188 -18.94 -1.66 37.58
CA SER D 188 -19.23 -1.43 39.00
C SER D 188 -18.99 0.01 39.42
N ARG D 189 -18.09 0.74 38.73
CA ARG D 189 -17.86 2.13 39.08
C ARG D 189 -19.11 2.99 38.89
N PHE D 190 -20.00 2.57 38.00
CA PHE D 190 -21.25 3.30 37.79
C PHE D 190 -22.31 2.97 38.82
N PHE D 191 -22.10 1.95 39.66
CA PHE D 191 -23.09 1.52 40.66
C PHE D 191 -22.46 1.52 42.05
N ASP D 192 -21.93 2.68 42.45
CA ASP D 192 -21.40 2.90 43.80
C ASP D 192 -20.21 1.99 44.11
N ASN D 193 -19.44 1.65 43.08
CA ASN D 193 -18.25 0.80 43.24
C ASN D 193 -18.60 -0.53 43.92
N ASP D 194 -19.76 -1.07 43.58
CA ASP D 194 -20.28 -2.29 44.21
C ASP D 194 -20.61 -3.28 43.10
N VAL D 195 -19.84 -4.36 43.01
CA VAL D 195 -20.03 -5.33 41.93
C VAL D 195 -21.36 -6.05 42.07
N ASN D 196 -21.89 -6.15 43.29
CA ASN D 196 -23.18 -6.82 43.50
C ASN D 196 -24.37 -5.92 43.21
N LYS D 197 -24.16 -4.63 42.92
CA LYS D 197 -25.23 -3.74 42.54
C LYS D 197 -25.37 -3.57 41.04
N VAL D 198 -24.41 -4.04 40.26
CA VAL D 198 -24.56 -4.04 38.80
C VAL D 198 -25.63 -5.04 38.41
N PRO D 199 -26.57 -4.68 37.52
CA PRO D 199 -27.58 -5.65 37.08
C PRO D 199 -26.93 -6.89 36.49
N LYS D 200 -27.47 -8.05 36.86
CA LYS D 200 -26.83 -9.32 36.49
C LYS D 200 -27.20 -9.79 35.09
N TYR D 201 -28.24 -9.21 34.49
CA TYR D 201 -28.69 -9.60 33.15
C TYR D 201 -28.81 -8.37 32.27
N ALA D 202 -28.76 -8.61 30.97
CA ALA D 202 -28.97 -7.57 29.97
C ALA D 202 -29.52 -8.19 28.71
N LEU D 203 -30.25 -7.38 27.94
CA LEU D 203 -30.64 -7.75 26.59
C LEU D 203 -29.60 -7.19 25.64
N THR D 204 -29.10 -8.01 24.73
CA THR D 204 -28.04 -7.58 23.84
C THR D 204 -28.24 -8.18 22.45
N ILE D 205 -27.92 -7.38 21.43
CA ILE D 205 -27.86 -7.92 20.08
C ILE D 205 -26.78 -8.99 20.01
N GLY D 206 -26.91 -9.88 19.04
CA GLY D 206 -25.94 -10.94 18.86
C GLY D 206 -24.80 -10.51 17.96
N VAL D 207 -23.80 -11.39 17.87
CA VAL D 207 -22.68 -11.14 16.98
C VAL D 207 -23.14 -11.16 15.52
N GLY D 208 -24.04 -12.07 15.18
CA GLY D 208 -24.61 -12.08 13.85
C GLY D 208 -25.39 -10.81 13.55
N THR D 209 -26.10 -10.28 14.55
CA THR D 209 -26.83 -9.03 14.37
C THR D 209 -25.90 -7.89 13.98
N LEU D 210 -24.76 -7.78 14.68
CA LEU D 210 -23.78 -6.75 14.34
C LEU D 210 -23.16 -6.99 12.98
N LEU D 211 -22.79 -8.24 12.69
CA LEU D 211 -22.07 -8.56 11.47
C LEU D 211 -22.95 -8.44 10.23
N ASP D 212 -24.27 -8.46 10.38
CA ASP D 212 -25.16 -8.31 9.23
C ASP D 212 -25.19 -6.89 8.68
N ALA D 213 -24.73 -5.91 9.45
CA ALA D 213 -24.72 -4.53 8.97
C ALA D 213 -23.83 -4.40 7.74
N GLU D 214 -24.18 -3.42 6.90
CA GLU D 214 -23.40 -3.17 5.68
C GLU D 214 -21.98 -2.74 6.02
N GLU D 215 -21.81 -1.99 7.11
CA GLU D 215 -20.52 -1.48 7.52
C GLU D 215 -20.44 -1.50 9.04
N VAL D 216 -19.28 -1.87 9.56
CA VAL D 216 -19.03 -1.93 11.00
C VAL D 216 -17.82 -1.07 11.31
N MET D 217 -17.99 -0.16 12.27
CA MET D 217 -16.91 0.71 12.72
C MET D 217 -16.74 0.49 14.22
N ILE D 218 -15.57 0.01 14.63
CA ILE D 218 -15.28 -0.32 16.02
C ILE D 218 -14.28 0.69 16.56
N LEU D 219 -14.63 1.31 17.69
CA LEU D 219 -13.73 2.21 18.40
C LEU D 219 -13.01 1.44 19.48
N VAL D 220 -11.68 1.48 19.45
CA VAL D 220 -10.83 0.71 20.34
C VAL D 220 -9.85 1.69 20.94
N THR D 221 -10.08 2.09 22.19
CA THR D 221 -9.19 3.02 22.87
C THR D 221 -8.77 2.43 24.21
N GLY D 222 -7.56 2.78 24.62
CA GLY D 222 -7.05 2.37 25.91
C GLY D 222 -6.06 1.23 25.81
N TYR D 223 -5.07 1.24 26.71
CA TYR D 223 -4.08 0.16 26.75
C TYR D 223 -4.73 -1.18 27.05
N ASN D 224 -5.80 -1.20 27.84
CA ASN D 224 -6.45 -2.45 28.21
C ASN D 224 -7.07 -3.17 27.02
N LYS D 225 -7.24 -2.49 25.89
CA LYS D 225 -7.78 -3.11 24.68
C LYS D 225 -6.69 -3.51 23.70
N ALA D 226 -5.42 -3.42 24.11
CA ALA D 226 -4.32 -3.63 23.18
C ALA D 226 -4.23 -5.08 22.72
N GLN D 227 -4.47 -6.04 23.61
CA GLN D 227 -4.43 -7.44 23.22
C GLN D 227 -5.52 -7.75 22.21
N ALA D 228 -6.70 -7.14 22.38
CA ALA D 228 -7.79 -7.36 21.44
C ALA D 228 -7.46 -6.78 20.07
N LEU D 229 -6.89 -5.57 20.03
CA LEU D 229 -6.53 -4.96 18.76
C LEU D 229 -5.45 -5.75 18.04
N GLN D 230 -4.49 -6.30 18.79
CA GLN D 230 -3.43 -7.09 18.17
C GLN D 230 -3.99 -8.36 17.55
N ALA D 231 -4.93 -9.02 18.24
CA ALA D 231 -5.57 -10.20 17.67
C ALA D 231 -6.38 -9.84 16.43
N ALA D 232 -7.04 -8.68 16.46
CA ALA D 232 -7.87 -8.27 15.32
C ALA D 232 -7.03 -7.92 14.11
N VAL D 233 -5.90 -7.25 14.31
CA VAL D 233 -5.12 -6.73 13.20
C VAL D 233 -4.04 -7.71 12.74
N GLU D 234 -3.35 -8.36 13.67
CA GLU D 234 -2.22 -9.22 13.31
C GLU D 234 -2.53 -10.71 13.40
N GLY D 235 -3.44 -11.11 14.29
CA GLY D 235 -3.73 -12.51 14.44
C GLY D 235 -4.60 -13.04 13.32
N SER D 236 -4.66 -14.36 13.21
CA SER D 236 -5.60 -14.99 12.30
C SER D 236 -6.98 -15.04 12.94
N ILE D 237 -7.96 -15.49 12.17
CA ILE D 237 -9.33 -15.57 12.69
C ILE D 237 -9.35 -16.52 13.87
N ASN D 238 -9.71 -16.00 15.04
CA ASN D 238 -9.66 -16.74 16.30
C ASN D 238 -11.00 -16.58 17.01
N HIS D 239 -11.64 -17.70 17.32
CA HIS D 239 -12.97 -17.65 17.93
C HIS D 239 -12.91 -17.07 19.33
N LEU D 240 -11.78 -17.19 20.03
CA LEU D 240 -11.67 -16.64 21.38
C LEU D 240 -11.76 -15.12 21.38
N TRP D 241 -11.41 -14.47 20.29
CA TRP D 241 -11.46 -13.01 20.15
C TRP D 241 -12.53 -12.69 19.11
N THR D 242 -13.74 -12.41 19.59
CA THR D 242 -14.86 -12.18 18.69
C THR D 242 -14.55 -11.06 17.69
N VAL D 243 -13.82 -10.04 18.13
CA VAL D 243 -13.49 -8.91 17.26
C VAL D 243 -12.73 -9.35 16.02
N THR D 244 -12.10 -10.52 16.04
CA THR D 244 -11.42 -11.02 14.85
C THR D 244 -12.39 -11.38 13.74
N ALA D 245 -13.68 -11.53 14.05
CA ALA D 245 -14.68 -11.76 13.02
C ALA D 245 -14.74 -10.63 12.01
N LEU D 246 -14.26 -9.43 12.37
CA LEU D 246 -14.19 -8.32 11.42
C LEU D 246 -13.36 -8.68 10.20
N GLN D 247 -12.45 -9.64 10.33
CA GLN D 247 -11.64 -10.07 9.19
C GLN D 247 -12.49 -10.71 8.11
N MET D 248 -13.66 -11.24 8.46
CA MET D 248 -14.59 -11.84 7.51
C MET D 248 -15.67 -10.87 7.04
N HIS D 249 -15.66 -9.64 7.51
CA HIS D 249 -16.68 -8.67 7.13
C HIS D 249 -16.27 -7.92 5.87
N ARG D 250 -17.28 -7.43 5.14
CA ARG D 250 -17.04 -6.81 3.84
C ARG D 250 -16.45 -5.40 3.99
N ARG D 251 -16.79 -4.68 5.06
CA ARG D 251 -16.43 -3.28 5.26
C ARG D 251 -16.28 -3.05 6.75
N ALA D 252 -15.11 -3.40 7.29
CA ALA D 252 -14.78 -3.20 8.69
C ALA D 252 -13.79 -2.06 8.86
N ILE D 253 -14.04 -1.19 9.83
CA ILE D 253 -13.17 -0.06 10.14
C ILE D 253 -12.90 -0.08 11.64
N ILE D 254 -11.62 0.00 12.01
CA ILE D 254 -11.22 0.09 13.41
C ILE D 254 -10.50 1.42 13.61
N VAL D 255 -11.01 2.23 14.54
CA VAL D 255 -10.42 3.52 14.89
C VAL D 255 -9.87 3.40 16.29
N CYS D 256 -8.56 3.61 16.43
CA CYS D 256 -7.89 3.38 17.71
C CYS D 256 -7.05 4.58 18.08
N ASP D 257 -6.69 4.63 19.37
CA ASP D 257 -5.77 5.62 19.89
C ASP D 257 -4.40 4.97 20.12
N GLU D 258 -3.42 5.80 20.46
CA GLU D 258 -2.06 5.30 20.60
C GLU D 258 -1.90 4.26 21.70
N PRO D 259 -2.46 4.42 22.91
CA PRO D 259 -2.34 3.34 23.91
C PRO D 259 -2.90 2.00 23.45
N ALA D 260 -3.90 1.98 22.56
CA ALA D 260 -4.46 0.73 22.10
C ALA D 260 -3.50 -0.06 21.21
N THR D 261 -2.44 0.58 20.72
CA THR D 261 -1.50 -0.04 19.79
C THR D 261 -0.30 -0.66 20.49
N GLN D 262 -0.31 -0.73 21.83
CA GLN D 262 0.89 -1.12 22.57
C GLN D 262 1.33 -2.54 22.25
N GLU D 263 0.40 -3.41 21.84
CA GLU D 263 0.75 -4.80 21.55
C GLU D 263 1.02 -5.05 20.07
N LEU D 264 0.78 -4.07 19.20
CA LEU D 264 1.10 -4.24 17.79
C LEU D 264 2.61 -4.16 17.58
N LYS D 265 3.07 -4.78 16.50
CA LYS D 265 4.46 -4.65 16.11
C LYS D 265 4.73 -3.26 15.52
N VAL D 266 5.96 -2.80 15.67
CA VAL D 266 6.35 -1.49 15.13
C VAL D 266 6.04 -1.41 13.64
N LYS D 267 6.36 -2.47 12.90
CA LYS D 267 6.11 -2.46 11.46
C LYS D 267 4.62 -2.42 11.14
N THR D 268 3.78 -2.95 12.02
CA THR D 268 2.34 -2.94 11.79
C THR D 268 1.77 -1.53 11.90
N VAL D 269 2.12 -0.82 12.98
CA VAL D 269 1.65 0.55 13.14
C VAL D 269 2.21 1.44 12.04
N LYS D 270 3.47 1.23 11.67
CA LYS D 270 4.08 2.01 10.59
C LYS D 270 3.32 1.83 9.29
N TYR D 271 2.91 0.60 8.98
CA TYR D 271 2.19 0.34 7.73
C TYR D 271 0.88 1.10 7.67
N PHE D 272 0.08 1.01 8.74
CA PHE D 272 -1.22 1.68 8.74
C PHE D 272 -1.08 3.18 8.93
N THR D 273 0.00 3.64 9.56
CA THR D 273 0.23 5.08 9.69
C THR D 273 0.54 5.71 8.34
N GLU D 274 1.27 5.00 7.48
CA GLU D 274 1.53 5.54 6.14
C GLU D 274 0.32 5.38 5.23
N LEU D 275 -0.41 4.26 5.35
CA LEU D 275 -1.58 4.04 4.51
C LEU D 275 -2.69 5.05 4.81
N GLU D 276 -2.96 5.27 6.09
CA GLU D 276 -4.02 6.15 6.57
C GLU D 276 -3.54 7.58 6.85
N ALA D 277 -2.37 7.97 6.31
CA ALA D 277 -1.82 9.29 6.61
C ALA D 277 -2.79 10.41 6.29
N SER D 278 -3.70 10.21 5.34
CA SER D 278 -4.68 11.25 5.04
C SER D 278 -5.73 11.36 6.14
N ALA D 279 -6.12 10.23 6.74
CA ALA D 279 -7.08 10.27 7.83
C ALA D 279 -6.46 10.80 9.11
N ILE D 280 -5.17 10.55 9.33
CA ILE D 280 -4.50 11.07 10.51
C ILE D 280 -4.38 12.59 10.43
N ARG D 281 -4.14 13.11 9.23
CA ARG D 281 -3.99 14.55 9.07
C ARG D 281 -5.29 15.31 9.32
N SER D 282 -6.44 14.67 9.07
CA SER D 282 -7.72 15.35 9.16
C SER D 282 -8.16 15.63 10.59
N VAL D 283 -7.42 15.16 11.60
CA VAL D 283 -7.84 15.36 12.99
C VAL D 283 -6.69 15.93 13.82
N LYS D 284 -5.61 16.33 13.16
CA LYS D 284 -4.50 16.99 13.85
C LYS D 284 -4.60 18.49 13.69
C1 EDO E . 47.75 3.44 -17.51
O1 EDO E . 49.03 3.86 -17.04
C2 EDO E . 47.11 2.49 -16.51
O2 EDO E . 46.83 3.20 -15.30
C1 EDO F . 74.98 2.09 41.06
O1 EDO F . 75.82 3.23 41.31
C2 EDO F . 73.52 2.49 41.28
O2 EDO F . 73.32 2.83 42.65
C1 EDO G . 62.92 -10.46 33.62
O1 EDO G . 63.96 -10.52 32.64
C2 EDO G . 63.51 -10.63 35.01
O2 EDO G . 62.75 -9.86 35.96
C1 EDO H . 80.99 3.15 41.67
O1 EDO H . 82.29 3.13 41.04
C2 EDO H . 80.19 4.33 41.13
O2 EDO H . 78.79 4.06 41.28
#